data_5K6M
#
_entry.id   5K6M
#
_cell.length_a   50.631
_cell.length_b   119.182
_cell.length_c   157.417
_cell.angle_alpha   90.00
_cell.angle_beta   90.00
_cell.angle_gamma   90.00
#
_symmetry.space_group_name_H-M   'P 21 21 21'
#
loop_
_entity.id
_entity.type
_entity.pdbx_description
1 polymer B-GLUCOSIDASE
2 non-polymer beta-D-glucopyranose
3 non-polymer 'SULFATE ION'
4 water water
#
_entity_poly.entity_id   1
_entity_poly.type   'polypeptide(L)'
_entity_poly.pdbx_seq_one_letter_code
;MNIEKVILDWNEYIEAARSVVSEGCVLLENNGTLPLEKGAVVSIFGRIQTHYYKSGTGSGGMVNVTHVVGVPEGLKLSEH
VTVNEELENIYKEWEEENPFDEGLGWGTEPWSQPEMELTDEIVSNASAKSDVAIVIIGRTAGEDKDFSDVAGAYKLSETE
EDMLRRVRKHFDKMVVLLNVGSLMDLNVISEINPDALMVIWQGGMIGGLGTADVLTGKVNPSGKLTDTIAYEINDYPSTE
NFGDPVRDYYAEDIYVGYRYFETFEKSKVRYPFGYGISYTEFEHTVGEFTADINSRTFTASCTVKNTGSVAGKDVAQFYV
SAPQGKLGKPEKVLVAFKKTGILNPGKEEKITVTVPFDRFASFDDTGVTGAESCFVLEAGEYTVYEGKNVRESYKEGSFT
LEENIVTEKLSKALAPMESFKRMKASENSDGTLSVKYEDVPVSDVDEKKRRLDNMPVEIPQDFTARYSLKDVLSGSVDME
KFIARLSDDDLACIVRGEGMGSSLVTAGTAAAFGGVSEYLRKMDIPAVCCDDGPSGMRLDSGATAFSMPNGTMLASTFNP
DVIERMYGFTSLEMIYNKVECLLGPGMNIHRNPLNGRNFEYFSEDPYLNGTIASAMLKGLHKYGSDGVAKHFCCNNQELG
RQACDSVVSQRALREIYLKGFEIAVKEGGCKAFMTTYAQVNGMWTAGNYDLNTRILRDEWGFKGIVMTDWWAQVNDRGGE
PTKNNTAAMVRAQNDLYMVTANAAMNSANDNTLSQLSEGKLNRAELQRCAMNICEYAMNTMAMKRLCRNDIKVEIAGRVI
EEDAFDIENAEYLVLKGNITVSLKNKESKAGTNYYIPLDIQDLGMYDISVTASSMLGEVAQLPCTLYYTGVPFLTYTFNG
SGGKDVTITKSMDFHNRMAVIRLNVAKNGLNLDRIEFKKQQ
;
_entity_poly.pdbx_strand_id   A
#
# COMPACT_ATOMS: atom_id res chain seq x y z
N GLU A 4 32.43 -7.37 -6.54
CA GLU A 4 31.75 -6.13 -6.99
C GLU A 4 31.47 -5.21 -5.79
N LYS A 5 31.79 -3.92 -5.96
CA LYS A 5 31.66 -2.92 -4.91
C LYS A 5 30.87 -1.71 -5.42
N VAL A 6 29.76 -1.36 -4.75
CA VAL A 6 28.83 -0.30 -5.23
C VAL A 6 28.70 0.86 -4.24
N ILE A 7 28.79 2.08 -4.75
CA ILE A 7 28.61 3.27 -3.91
C ILE A 7 27.13 3.56 -3.74
N LEU A 8 26.68 3.72 -2.50
CA LEU A 8 25.37 4.25 -2.19
C LEU A 8 25.60 5.71 -1.85
N ASP A 9 25.28 6.59 -2.78
CA ASP A 9 25.46 8.01 -2.58
C ASP A 9 24.27 8.56 -1.80
N TRP A 10 24.55 9.03 -0.59
CA TRP A 10 23.52 9.52 0.31
C TRP A 10 22.82 10.78 -0.21
N ASN A 11 23.56 11.66 -0.89
CA ASN A 11 22.94 12.86 -1.46
C ASN A 11 21.97 12.53 -2.59
N GLU A 12 22.29 11.54 -3.42
CA GLU A 12 21.39 11.08 -4.47
C GLU A 12 20.16 10.35 -3.89
N TYR A 13 20.36 9.62 -2.80
CA TYR A 13 19.24 8.99 -2.05
C TYR A 13 18.30 10.08 -1.55
N ILE A 14 18.87 11.09 -0.88
CA ILE A 14 18.08 12.24 -0.39
C ILE A 14 17.25 12.86 -1.53
N GLU A 15 17.91 13.10 -2.66
CA GLU A 15 17.30 13.76 -3.81
C GLU A 15 16.18 12.92 -4.43
N ALA A 16 16.38 11.61 -4.48
CA ALA A 16 15.35 10.67 -4.92
C ALA A 16 14.12 10.71 -4.00
N ALA A 17 14.32 10.70 -2.68
CA ALA A 17 13.22 10.78 -1.74
C ALA A 17 12.53 12.14 -1.81
N ARG A 18 13.31 13.20 -1.93
CA ARG A 18 12.81 14.57 -2.05
C ARG A 18 11.91 14.72 -3.28
N SER A 19 12.29 14.08 -4.40
CA SER A 19 11.47 14.07 -5.62
C SER A 19 10.11 13.43 -5.42
N VAL A 20 10.06 12.36 -4.63
CA VAL A 20 8.79 11.73 -4.28
C VAL A 20 7.91 12.69 -3.45
N VAL A 21 8.51 13.35 -2.47
CA VAL A 21 7.79 14.31 -1.64
C VAL A 21 7.20 15.41 -2.51
N SER A 22 8.02 16.01 -3.38
CA SER A 22 7.55 17.13 -4.22
C SER A 22 6.56 16.73 -5.34
N GLU A 23 6.50 15.44 -5.68
CA GLU A 23 5.49 14.89 -6.62
C GLU A 23 4.25 14.32 -5.94
N GLY A 24 4.35 14.07 -4.63
CA GLY A 24 3.29 13.42 -3.85
C GLY A 24 2.41 14.35 -3.03
N CYS A 25 2.86 15.57 -2.78
CA CYS A 25 2.01 16.57 -2.15
C CYS A 25 0.82 16.81 -3.07
N VAL A 26 -0.38 16.94 -2.50
CA VAL A 26 -1.59 17.19 -3.29
C VAL A 26 -2.15 18.56 -2.95
N LEU A 27 -2.04 19.47 -3.91
CA LEU A 27 -2.65 20.79 -3.81
C LEU A 27 -4.13 20.64 -4.17
N LEU A 28 -5.01 21.05 -3.24
CA LEU A 28 -6.45 20.91 -3.39
C LEU A 28 -7.14 22.20 -3.80
N GLU A 29 -6.73 23.32 -3.19
CA GLU A 29 -7.29 24.64 -3.52
C GLU A 29 -6.14 25.65 -3.54
N ASN A 30 -6.30 26.68 -4.37
CA ASN A 30 -5.32 27.77 -4.40
C ASN A 30 -5.87 28.94 -5.21
N ASN A 31 -5.79 30.15 -4.67
CA ASN A 31 -6.22 31.35 -5.39
C ASN A 31 -5.03 32.17 -5.91
N GLY A 32 -3.85 31.56 -5.95
CA GLY A 32 -2.61 32.24 -6.32
C GLY A 32 -1.76 32.68 -5.15
N THR A 33 -2.25 32.48 -3.92
CA THR A 33 -1.43 32.71 -2.73
C THR A 33 -0.21 31.77 -2.69
N LEU A 34 -0.35 30.57 -3.26
CA LEU A 34 0.82 29.73 -3.57
C LEU A 34 1.15 29.87 -5.06
N PRO A 35 2.43 29.79 -5.47
CA PRO A 35 3.58 29.62 -4.61
C PRO A 35 3.94 30.87 -3.83
N LEU A 36 4.62 30.67 -2.71
CA LEU A 36 5.05 31.78 -1.85
C LEU A 36 5.99 32.66 -2.66
N GLU A 37 5.82 33.97 -2.56
CA GLU A 37 6.65 34.93 -3.30
C GLU A 37 8.07 35.01 -2.74
N LYS A 38 9.03 35.22 -3.62
CA LYS A 38 10.42 35.38 -3.22
C LYS A 38 10.56 36.53 -2.24
N GLY A 39 11.28 36.30 -1.14
CA GLY A 39 11.44 37.30 -0.08
C GLY A 39 10.25 37.48 0.86
N ALA A 40 9.22 36.65 0.75
CA ALA A 40 8.09 36.74 1.68
C ALA A 40 8.52 36.33 3.08
N VAL A 41 7.87 36.95 4.08
CA VAL A 41 8.02 36.59 5.48
C VAL A 41 6.78 35.80 5.87
N VAL A 42 6.97 34.56 6.34
CA VAL A 42 5.84 33.68 6.69
C VAL A 42 5.73 33.50 8.19
N SER A 43 4.50 33.60 8.71
CA SER A 43 4.19 33.21 10.09
C SER A 43 3.64 31.78 10.06
N ILE A 44 4.27 30.86 10.80
CA ILE A 44 3.86 29.46 10.80
C ILE A 44 3.09 29.15 12.07
N PHE A 45 1.84 28.71 11.92
CA PHE A 45 0.96 28.38 13.05
C PHE A 45 0.75 26.86 13.17
N GLY A 46 0.50 26.41 14.40
CA GLY A 46 0.31 24.99 14.71
C GLY A 46 1.53 24.43 15.42
N ARG A 47 1.33 23.96 16.65
CA ARG A 47 2.45 23.46 17.47
C ARG A 47 3.15 22.23 16.88
N ILE A 48 2.45 21.46 16.04
CA ILE A 48 3.05 20.31 15.36
C ILE A 48 4.14 20.73 14.37
N GLN A 49 4.26 22.02 14.05
CA GLN A 49 5.36 22.51 13.22
C GLN A 49 6.74 22.10 13.73
N THR A 50 6.90 21.97 15.05
CA THR A 50 8.18 21.58 15.66
C THR A 50 8.45 20.08 15.68
N HIS A 51 7.42 19.26 15.45
CA HIS A 51 7.54 17.80 15.48
C HIS A 51 6.83 17.25 14.26
N TYR A 52 7.42 17.55 13.10
CA TYR A 52 6.94 17.08 11.82
C TYR A 52 6.69 15.58 11.86
N TYR A 53 5.47 15.16 11.56
CA TYR A 53 5.18 13.73 11.44
C TYR A 53 5.84 13.20 10.17
N LYS A 54 6.94 12.47 10.35
CA LYS A 54 7.66 11.88 9.24
C LYS A 54 7.03 10.56 8.80
N SER A 55 6.18 9.96 9.63
CA SER A 55 5.58 8.66 9.34
C SER A 55 4.40 8.39 10.26
N GLY A 56 3.66 7.33 9.96
CA GLY A 56 2.64 6.81 10.87
C GLY A 56 3.29 6.09 12.06
N THR A 57 2.47 5.50 12.92
CA THR A 57 2.94 4.77 14.10
C THR A 57 2.91 3.26 13.86
N GLY A 58 3.66 2.54 14.68
CA GLY A 58 3.71 1.07 14.65
C GLY A 58 4.90 0.54 13.88
N SER A 59 4.76 -0.68 13.36
CA SER A 59 5.84 -1.40 12.65
C SER A 59 6.46 -0.64 11.46
N GLY A 60 5.62 0.06 10.71
CA GLY A 60 6.05 0.88 9.58
C GLY A 60 6.32 2.34 9.92
N GLY A 61 6.57 2.63 11.20
CA GLY A 61 6.86 4.00 11.65
C GLY A 61 7.93 4.10 12.72
N MET A 62 8.88 3.16 12.72
CA MET A 62 9.92 3.11 13.75
C MET A 62 11.30 3.10 13.10
N VAL A 63 11.49 4.01 12.15
CA VAL A 63 12.77 4.22 11.50
C VAL A 63 13.51 5.28 12.31
N ASN A 64 14.70 4.94 12.81
CA ASN A 64 15.51 5.87 13.60
C ASN A 64 16.32 6.73 12.65
N VAL A 65 16.33 8.04 12.91
CA VAL A 65 17.03 9.00 12.06
C VAL A 65 17.80 9.98 12.92
N THR A 66 18.88 10.52 12.38
CA THR A 66 19.66 11.56 13.09
C THR A 66 18.89 12.87 13.14
N HIS A 67 18.28 13.26 12.02
CA HIS A 67 17.57 14.54 11.93
C HIS A 67 16.33 14.44 11.03
N VAL A 68 15.28 15.18 11.40
CA VAL A 68 14.07 15.30 10.58
C VAL A 68 13.94 16.76 10.18
N VAL A 69 13.84 17.01 8.88
CA VAL A 69 13.64 18.36 8.36
C VAL A 69 12.14 18.60 8.29
N GLY A 70 11.63 19.44 9.19
CA GLY A 70 10.23 19.85 9.18
C GLY A 70 10.00 20.99 8.22
N VAL A 71 8.78 21.51 8.22
CA VAL A 71 8.38 22.56 7.27
C VAL A 71 9.07 23.92 7.56
N PRO A 72 9.14 24.34 8.83
CA PRO A 72 9.85 25.61 9.07
C PRO A 72 11.30 25.56 8.58
N GLU A 73 12.03 24.50 8.93
CA GLU A 73 13.43 24.37 8.51
C GLU A 73 13.56 24.26 6.99
N GLY A 74 12.67 23.51 6.35
CA GLY A 74 12.65 23.42 4.90
C GLY A 74 12.53 24.76 4.24
N LEU A 75 11.61 25.59 4.74
CA LEU A 75 11.39 26.93 4.19
C LEU A 75 12.60 27.85 4.37
N LYS A 76 13.29 27.73 5.50
CA LYS A 76 14.47 28.54 5.76
C LYS A 76 15.61 28.14 4.84
N LEU A 77 15.83 26.83 4.71
CA LEU A 77 16.88 26.30 3.84
C LEU A 77 16.65 26.59 2.36
N SER A 78 15.40 26.83 1.96
CA SER A 78 15.07 27.19 0.57
C SER A 78 15.70 28.54 0.15
N GLU A 79 15.86 29.44 1.12
CA GLU A 79 16.32 30.83 0.90
C GLU A 79 15.38 31.66 0.02
N HIS A 80 14.14 31.21 -0.12
CA HIS A 80 13.15 31.87 -0.94
C HIS A 80 12.20 32.70 -0.08
N VAL A 81 12.09 32.33 1.21
CA VAL A 81 11.30 33.06 2.19
C VAL A 81 12.07 33.11 3.49
N THR A 82 11.55 33.86 4.45
CA THR A 82 12.04 33.82 5.82
C THR A 82 10.83 33.54 6.72
N VAL A 83 11.12 33.06 7.93
CA VAL A 83 10.09 32.70 8.89
C VAL A 83 10.08 33.74 10.00
N ASN A 84 8.89 34.18 10.40
CA ASN A 84 8.69 35.05 11.56
C ASN A 84 9.22 34.38 12.83
N GLU A 85 10.41 34.81 13.27
CA GLU A 85 11.11 34.20 14.41
C GLU A 85 10.41 34.41 15.75
N GLU A 86 9.77 35.55 15.98
CA GLU A 86 9.08 35.80 17.25
C GLU A 86 8.00 34.74 17.51
N LEU A 87 7.19 34.46 16.49
CA LEU A 87 6.16 33.42 16.58
C LEU A 87 6.77 32.03 16.79
N GLU A 88 7.89 31.73 16.13
CA GLU A 88 8.61 30.45 16.38
C GLU A 88 8.98 30.32 17.85
N ASN A 89 9.53 31.39 18.44
CA ASN A 89 9.89 31.40 19.87
C ASN A 89 8.70 31.32 20.80
N ILE A 90 7.57 31.91 20.43
CA ILE A 90 6.34 31.74 21.19
C ILE A 90 5.95 30.25 21.26
N TYR A 91 6.04 29.55 20.11
CA TYR A 91 5.76 28.10 20.07
C TYR A 91 6.82 27.30 20.81
N LYS A 92 8.09 27.64 20.62
CA LYS A 92 9.18 26.97 21.31
C LYS A 92 9.02 27.06 22.84
N GLU A 93 8.82 28.28 23.33
CA GLU A 93 8.72 28.51 24.77
C GLU A 93 7.46 27.90 25.38
N TRP A 94 6.35 27.96 24.67
CA TRP A 94 5.12 27.28 25.11
C TRP A 94 5.31 25.75 25.18
N GLU A 95 6.04 25.18 24.23
CA GLU A 95 6.24 23.73 24.17
C GLU A 95 7.14 23.17 25.28
N GLU A 96 8.08 23.99 25.77
CA GLU A 96 8.81 23.68 27.00
C GLU A 96 7.83 23.40 28.16
N GLU A 97 6.75 24.17 28.25
CA GLU A 97 5.68 23.93 29.24
C GLU A 97 4.66 22.84 28.83
N ASN A 98 4.47 22.61 27.53
CA ASN A 98 3.50 21.61 27.03
C ASN A 98 4.21 20.65 26.06
N PRO A 99 5.05 19.74 26.61
CA PRO A 99 5.91 18.93 25.75
C PRO A 99 5.17 17.91 24.86
N PHE A 100 5.79 17.60 23.72
CA PHE A 100 5.27 16.65 22.78
C PHE A 100 5.02 15.32 23.50
N ASP A 101 3.77 14.87 23.49
CA ASP A 101 3.37 13.59 24.10
C ASP A 101 3.79 12.40 23.21
N GLU A 102 4.75 11.62 23.69
CA GLU A 102 5.17 10.39 22.97
C GLU A 102 4.43 9.12 23.38
N GLY A 103 3.56 9.19 24.39
CA GLY A 103 2.69 8.06 24.76
C GLY A 103 3.40 6.87 25.40
N THR A 108 2.61 3.92 22.75
CA THR A 108 1.28 4.16 22.20
C THR A 108 0.98 5.67 22.06
N GLU A 109 1.54 6.24 20.99
CA GLU A 109 1.49 7.68 20.72
C GLU A 109 0.10 8.13 20.27
N PRO A 110 -0.39 9.30 20.75
CA PRO A 110 -1.74 9.77 20.35
C PRO A 110 -1.85 10.18 18.86
N TRP A 111 -3.09 10.23 18.36
CA TRP A 111 -3.36 10.62 16.97
C TRP A 111 -2.87 12.02 16.65
N SER A 112 -2.96 12.91 17.64
CA SER A 112 -2.56 14.31 17.48
C SER A 112 -2.02 14.85 18.79
N GLN A 113 -1.46 16.05 18.72
CA GLN A 113 -0.94 16.77 19.88
C GLN A 113 -1.88 17.91 20.22
N PRO A 114 -2.02 18.26 21.51
CA PRO A 114 -2.87 19.41 21.87
C PRO A 114 -2.38 20.71 21.23
N GLU A 115 -3.29 21.47 20.66
CA GLU A 115 -2.95 22.71 20.00
C GLU A 115 -2.75 23.82 21.04
N MET A 116 -1.84 24.74 20.76
CA MET A 116 -1.65 25.93 21.58
C MET A 116 -2.79 26.89 21.32
N GLU A 117 -3.51 27.27 22.37
CA GLU A 117 -4.53 28.30 22.26
C GLU A 117 -3.87 29.61 21.85
N LEU A 118 -4.51 30.30 20.91
CA LEU A 118 -3.98 31.53 20.35
C LEU A 118 -4.85 32.68 20.80
N THR A 119 -4.19 33.80 21.06
CA THR A 119 -4.87 35.03 21.45
C THR A 119 -4.91 35.97 20.24
N ASP A 120 -5.83 36.93 20.31
CA ASP A 120 -5.93 37.99 19.32
C ASP A 120 -4.60 38.75 19.16
N GLU A 121 -3.87 38.90 20.28
CA GLU A 121 -2.60 39.64 20.33
C GLU A 121 -1.50 38.94 19.54
N ILE A 122 -1.33 37.65 19.77
CA ILE A 122 -0.33 36.84 19.07
C ILE A 122 -0.57 36.86 17.56
N VAL A 123 -1.81 36.59 17.19
CA VAL A 123 -2.18 36.42 15.78
C VAL A 123 -2.11 37.77 15.06
N SER A 124 -2.64 38.82 15.71
CA SER A 124 -2.57 40.17 15.16
C SER A 124 -1.11 40.65 15.02
N ASN A 125 -0.31 40.43 16.05
CA ASN A 125 1.11 40.82 16.00
C ASN A 125 1.86 40.05 14.91
N ALA A 126 1.50 38.79 14.68
CA ALA A 126 2.13 37.99 13.64
C ALA A 126 1.84 38.56 12.26
N SER A 127 0.58 38.89 12.02
CA SER A 127 0.13 39.45 10.75
C SER A 127 0.75 40.80 10.44
N ALA A 128 0.93 41.63 11.47
CA ALA A 128 1.61 42.93 11.32
C ALA A 128 3.05 42.81 10.82
N LYS A 129 3.74 41.71 11.14
CA LYS A 129 5.15 41.52 10.78
C LYS A 129 5.41 40.39 9.76
N SER A 130 4.40 40.04 8.97
CA SER A 130 4.55 38.98 7.96
C SER A 130 3.54 39.14 6.85
N ASP A 131 3.82 38.47 5.73
CA ASP A 131 3.02 38.58 4.52
C ASP A 131 1.97 37.49 4.39
N VAL A 132 2.19 36.34 5.02
CA VAL A 132 1.35 35.16 4.82
C VAL A 132 1.40 34.22 6.02
N ALA A 133 0.25 33.65 6.36
CA ALA A 133 0.14 32.64 7.41
C ALA A 133 0.11 31.24 6.78
N ILE A 134 0.90 30.32 7.35
CA ILE A 134 0.85 28.89 7.05
C ILE A 134 0.39 28.19 8.32
N VAL A 135 -0.71 27.45 8.23
CA VAL A 135 -1.24 26.71 9.38
C VAL A 135 -1.08 25.22 9.11
N ILE A 136 -0.37 24.54 10.01
CA ILE A 136 -0.07 23.11 9.87
C ILE A 136 -0.95 22.33 10.87
N ILE A 137 -1.74 21.40 10.34
CA ILE A 137 -2.53 20.48 11.14
C ILE A 137 -1.88 19.12 10.99
N GLY A 138 -1.52 18.52 12.12
CA GLY A 138 -0.80 17.27 12.15
C GLY A 138 -1.66 16.12 12.63
N ARG A 139 -1.56 14.98 11.96
CA ARG A 139 -2.16 13.73 12.40
C ARG A 139 -1.23 12.58 12.10
N THR A 140 -1.17 11.65 13.04
CA THR A 140 -0.57 10.35 12.79
C THR A 140 -1.61 9.30 13.16
N ALA A 141 -1.31 8.06 12.82
CA ALA A 141 -2.19 6.95 13.08
C ALA A 141 -1.37 5.73 12.77
N GLY A 142 -1.96 4.55 12.94
CA GLY A 142 -1.33 3.35 12.47
C GLY A 142 -1.91 2.07 13.00
N GLU A 143 -1.01 1.24 13.52
CA GLU A 143 -1.29 -0.15 13.79
C GLU A 143 -2.16 -0.29 15.06
N ASP A 144 -3.15 -1.18 15.01
CA ASP A 144 -4.02 -1.52 16.17
C ASP A 144 -5.00 -0.46 16.72
N LYS A 145 -4.97 0.77 16.19
CA LYS A 145 -5.97 1.78 16.52
C LYS A 145 -6.54 2.32 15.22
N ASP A 146 -7.87 2.34 15.11
CA ASP A 146 -8.54 2.96 13.97
C ASP A 146 -8.79 4.46 14.21
N PHE A 147 -8.70 5.23 13.13
CA PHE A 147 -8.93 6.67 13.13
C PHE A 147 -10.41 6.86 13.43
N SER A 148 -10.75 7.67 14.42
CA SER A 148 -12.13 7.81 14.88
C SER A 148 -12.73 9.12 14.39
N ASP A 149 -14.04 9.14 14.13
CA ASP A 149 -14.72 10.36 13.64
C ASP A 149 -15.01 11.34 14.79
N VAL A 150 -13.95 11.84 15.43
CA VAL A 150 -14.06 12.72 16.60
C VAL A 150 -13.01 13.83 16.54
N ALA A 151 -13.26 14.89 17.31
CA ALA A 151 -12.31 15.99 17.47
C ALA A 151 -10.98 15.42 17.96
N GLY A 152 -9.88 15.87 17.36
CA GLY A 152 -8.54 15.35 17.66
C GLY A 152 -8.09 14.16 16.82
N ALA A 153 -8.99 13.58 16.02
CA ALA A 153 -8.65 12.46 15.12
C ALA A 153 -9.05 12.86 13.70
N TYR A 154 -10.19 12.38 13.20
CA TYR A 154 -10.65 12.73 11.86
C TYR A 154 -11.12 14.18 11.77
N LYS A 155 -11.74 14.67 12.85
CA LYS A 155 -12.20 16.08 12.92
C LYS A 155 -11.13 16.95 13.57
N LEU A 156 -11.15 18.23 13.23
CA LEU A 156 -10.38 19.25 13.96
C LEU A 156 -10.73 19.21 15.45
N SER A 157 -9.74 19.47 16.29
CA SER A 157 -9.98 19.81 17.69
C SER A 157 -10.57 21.22 17.78
N GLU A 158 -11.21 21.52 18.90
CA GLU A 158 -11.85 22.82 19.13
C GLU A 158 -10.82 23.96 19.09
N THR A 159 -9.64 23.73 19.66
CA THR A 159 -8.54 24.70 19.62
C THR A 159 -7.87 24.84 18.24
N GLU A 160 -7.82 23.75 17.47
CA GLU A 160 -7.35 23.84 16.08
C GLU A 160 -8.28 24.68 15.23
N GLU A 161 -9.58 24.45 15.40
CA GLU A 161 -10.60 25.24 14.72
C GLU A 161 -10.48 26.72 15.11
N ASP A 162 -10.26 27.01 16.39
CA ASP A 162 -10.10 28.38 16.84
C ASP A 162 -8.88 29.04 16.16
N MET A 163 -7.75 28.32 16.16
CA MET A 163 -6.53 28.75 15.46
C MET A 163 -6.80 29.14 14.01
N LEU A 164 -7.52 28.28 13.31
CA LEU A 164 -7.81 28.50 11.90
C LEU A 164 -8.68 29.73 11.70
N ARG A 165 -9.70 29.90 12.55
CA ARG A 165 -10.62 31.05 12.45
C ARG A 165 -9.93 32.39 12.76
N ARG A 166 -9.06 32.40 13.76
CA ARG A 166 -8.30 33.60 14.10
C ARG A 166 -7.31 34.00 13.01
N VAL A 167 -6.60 33.02 12.47
CA VAL A 167 -5.66 33.25 11.38
C VAL A 167 -6.39 33.74 10.13
N ARG A 168 -7.54 33.12 9.82
CA ARG A 168 -8.36 33.56 8.69
C ARG A 168 -8.77 35.03 8.82
N LYS A 169 -9.17 35.44 10.01
CA LYS A 169 -9.59 36.83 10.27
C LYS A 169 -8.46 37.84 10.08
N HIS A 170 -7.25 37.53 10.57
CA HIS A 170 -6.15 38.51 10.63
C HIS A 170 -5.18 38.49 9.47
N PHE A 171 -5.20 37.44 8.65
CA PHE A 171 -4.35 37.34 7.48
C PHE A 171 -5.23 37.28 6.25
N ASP A 172 -4.93 38.11 5.25
CA ASP A 172 -5.60 38.01 3.95
C ASP A 172 -4.90 37.00 3.02
N LYS A 173 -3.75 36.47 3.42
CA LYS A 173 -3.12 35.33 2.76
C LYS A 173 -2.87 34.21 3.76
N MET A 174 -3.59 33.11 3.57
CA MET A 174 -3.60 31.96 4.49
C MET A 174 -3.43 30.65 3.72
N VAL A 175 -2.53 29.80 4.19
CA VAL A 175 -2.23 28.52 3.57
C VAL A 175 -2.38 27.46 4.64
N VAL A 176 -3.16 26.41 4.36
CA VAL A 176 -3.31 25.32 5.30
C VAL A 176 -2.62 24.08 4.75
N LEU A 177 -1.79 23.45 5.58
CA LEU A 177 -1.09 22.24 5.23
C LEU A 177 -1.50 21.11 6.16
N LEU A 178 -1.83 19.96 5.59
CA LEU A 178 -2.21 18.77 6.33
C LEU A 178 -1.07 17.77 6.34
N ASN A 179 -0.35 17.78 7.45
CA ASN A 179 0.75 16.84 7.75
C ASN A 179 0.08 15.61 8.38
N VAL A 180 -0.52 14.79 7.54
CA VAL A 180 -1.39 13.69 7.98
C VAL A 180 -1.05 12.39 7.29
N GLY A 181 -1.18 11.28 8.02
CA GLY A 181 -0.96 9.95 7.48
C GLY A 181 -2.04 9.58 6.51
N SER A 182 -3.28 9.90 6.87
CA SER A 182 -4.42 9.71 6.00
C SER A 182 -5.31 10.95 6.06
N LEU A 183 -6.21 11.03 5.10
CA LEU A 183 -7.06 12.21 4.95
C LEU A 183 -7.92 12.44 6.20
N MET A 184 -8.11 13.70 6.56
CA MET A 184 -8.97 14.06 7.68
C MET A 184 -10.13 14.88 7.16
N ASP A 185 -11.12 15.14 8.02
CA ASP A 185 -12.28 15.97 7.67
C ASP A 185 -11.85 17.33 7.12
N LEU A 186 -12.36 17.67 5.93
CA LEU A 186 -12.12 18.97 5.30
C LEU A 186 -13.33 19.92 5.37
N ASN A 187 -14.43 19.49 5.97
CA ASN A 187 -15.64 20.33 6.00
C ASN A 187 -15.47 21.65 6.73
N VAL A 188 -14.89 21.61 7.94
CA VAL A 188 -14.70 22.83 8.73
C VAL A 188 -13.61 23.72 8.11
N ILE A 189 -12.51 23.09 7.67
CA ILE A 189 -11.44 23.78 6.95
C ILE A 189 -11.97 24.50 5.71
N SER A 190 -12.79 23.80 4.92
CA SER A 190 -13.37 24.38 3.71
C SER A 190 -14.30 25.54 4.02
N GLU A 191 -15.12 25.41 5.07
CA GLU A 191 -16.00 26.49 5.52
C GLU A 191 -15.21 27.74 5.93
N ILE A 192 -14.14 27.55 6.71
CA ILE A 192 -13.24 28.66 7.11
C ILE A 192 -12.57 29.30 5.88
N ASN A 193 -12.33 28.49 4.85
CA ASN A 193 -11.97 28.97 3.51
C ASN A 193 -10.60 29.63 3.47
N PRO A 194 -9.52 28.84 3.64
CA PRO A 194 -8.19 29.39 3.45
C PRO A 194 -7.94 29.70 1.98
N ASP A 195 -6.92 30.48 1.70
CA ASP A 195 -6.58 30.81 0.32
C ASP A 195 -5.97 29.63 -0.44
N ALA A 196 -5.28 28.74 0.27
CA ALA A 196 -4.75 27.53 -0.33
C ALA A 196 -4.78 26.38 0.67
N LEU A 197 -4.99 25.19 0.14
CA LEU A 197 -5.04 23.97 0.93
C LEU A 197 -4.24 22.88 0.24
N MET A 198 -3.23 22.35 0.94
CA MET A 198 -2.38 21.29 0.43
C MET A 198 -2.25 20.17 1.46
N VAL A 199 -2.37 18.93 1.00
CA VAL A 199 -2.08 17.75 1.80
C VAL A 199 -0.62 17.41 1.53
N ILE A 200 0.20 17.42 2.58
CA ILE A 200 1.63 17.17 2.48
C ILE A 200 2.02 15.81 3.04
N TRP A 201 1.03 15.03 3.47
CA TRP A 201 1.23 13.66 3.94
C TRP A 201 2.31 13.60 5.03
N GLN A 202 3.06 12.50 5.10
CA GLN A 202 4.19 12.36 5.99
C GLN A 202 5.37 11.95 5.12
N GLY A 203 6.35 12.84 4.96
CA GLY A 203 7.34 12.73 3.90
C GLY A 203 8.67 12.13 4.27
N GLY A 204 8.74 11.43 5.40
CA GLY A 204 10.00 10.89 5.90
C GLY A 204 10.94 11.99 6.36
N MET A 205 12.22 11.65 6.50
CA MET A 205 13.17 12.55 7.19
C MET A 205 13.48 13.83 6.42
N ILE A 206 13.32 13.83 5.10
CA ILE A 206 13.54 15.05 4.29
C ILE A 206 12.23 15.69 3.82
N GLY A 207 11.12 15.36 4.48
CA GLY A 207 9.80 15.82 4.07
C GLY A 207 9.65 17.31 3.93
N GLY A 208 10.25 18.04 4.86
CA GLY A 208 10.26 19.50 4.82
C GLY A 208 10.97 20.11 3.63
N LEU A 209 11.98 19.40 3.11
CA LEU A 209 12.70 19.88 1.92
C LEU A 209 11.84 19.82 0.67
N GLY A 210 11.27 18.65 0.38
CA GLY A 210 10.37 18.48 -0.76
C GLY A 210 9.11 19.33 -0.66
N THR A 211 8.62 19.51 0.55
CA THR A 211 7.45 20.36 0.81
C THR A 211 7.79 21.84 0.55
N ALA A 212 8.97 22.27 0.98
CA ALA A 212 9.42 23.64 0.70
C ALA A 212 9.53 23.86 -0.80
N ASP A 213 10.02 22.84 -1.51
CA ASP A 213 10.13 22.90 -2.97
C ASP A 213 8.81 23.30 -3.62
N VAL A 214 7.72 22.60 -3.28
CA VAL A 214 6.40 22.94 -3.82
C VAL A 214 5.83 24.28 -3.31
N LEU A 215 6.01 24.57 -2.02
CA LEU A 215 5.49 25.83 -1.45
C LEU A 215 6.13 27.08 -2.07
N THR A 216 7.42 26.99 -2.38
CA THR A 216 8.18 28.13 -2.91
C THR A 216 8.10 28.22 -4.43
N GLY A 217 7.58 27.18 -5.07
CA GLY A 217 7.44 27.16 -6.52
C GLY A 217 8.64 26.59 -7.24
N LYS A 218 9.69 26.18 -6.53
CA LYS A 218 10.83 25.51 -7.17
C LYS A 218 10.37 24.26 -7.91
N VAL A 219 9.40 23.55 -7.33
CA VAL A 219 8.70 22.47 -8.03
C VAL A 219 7.21 22.82 -8.02
N ASN A 220 6.54 22.61 -9.15
CA ASN A 220 5.12 22.85 -9.29
C ASN A 220 4.39 21.58 -8.82
N PRO A 221 3.50 21.69 -7.82
CA PRO A 221 2.87 20.46 -7.34
C PRO A 221 2.08 19.73 -8.42
N SER A 222 2.17 18.40 -8.39
CA SER A 222 1.53 17.53 -9.37
C SER A 222 0.93 16.25 -8.76
N GLY A 223 0.69 16.24 -7.45
CA GLY A 223 0.17 15.06 -6.79
C GLY A 223 -1.33 14.97 -6.98
N LYS A 224 -1.85 13.75 -6.92
CA LYS A 224 -3.28 13.49 -7.13
C LYS A 224 -3.82 12.58 -6.02
N LEU A 225 -5.10 12.77 -5.69
CA LEU A 225 -5.73 11.94 -4.67
C LEU A 225 -5.83 10.49 -5.16
N THR A 226 -5.54 9.56 -4.26
CA THR A 226 -5.71 8.13 -4.51
C THR A 226 -6.99 7.58 -3.87
N ASP A 227 -7.76 8.46 -3.22
CA ASP A 227 -9.06 8.14 -2.66
C ASP A 227 -10.06 9.23 -3.03
N THR A 228 -11.35 8.86 -2.98
CA THR A 228 -12.42 9.81 -3.17
C THR A 228 -12.64 10.47 -1.82
N ILE A 229 -12.80 11.80 -1.82
CA ILE A 229 -13.16 12.53 -0.61
C ILE A 229 -14.63 12.91 -0.69
N ALA A 230 -15.43 12.29 0.17
CA ALA A 230 -16.86 12.54 0.27
C ALA A 230 -17.10 13.65 1.27
N TYR A 231 -18.30 14.22 1.28
CA TYR A 231 -18.65 15.24 2.28
C TYR A 231 -18.74 14.71 3.72
N GLU A 232 -19.27 13.50 3.92
CA GLU A 232 -19.46 12.95 5.26
C GLU A 232 -18.94 11.53 5.35
N ILE A 233 -18.49 11.14 6.54
CA ILE A 233 -18.11 9.76 6.82
C ILE A 233 -19.23 8.77 6.47
N ASN A 234 -20.48 9.13 6.72
CA ASN A 234 -21.61 8.23 6.42
C ASN A 234 -21.98 8.13 4.94
N ASP A 235 -21.44 9.01 4.11
CA ASP A 235 -21.54 8.86 2.65
C ASP A 235 -20.75 7.67 2.13
N TYR A 236 -19.69 7.26 2.82
CA TYR A 236 -18.86 6.14 2.36
C TYR A 236 -19.63 4.84 2.48
N PRO A 237 -19.65 4.04 1.40
CA PRO A 237 -20.53 2.87 1.34
C PRO A 237 -20.15 1.80 2.37
N SER A 238 -18.88 1.74 2.75
CA SER A 238 -18.40 0.78 3.74
C SER A 238 -18.61 1.18 5.20
N THR A 239 -18.97 2.44 5.48
CA THR A 239 -19.14 2.90 6.87
C THR A 239 -20.24 2.13 7.62
N GLU A 240 -21.33 1.86 6.92
CA GLU A 240 -22.38 0.93 7.35
C GLU A 240 -21.82 -0.40 7.92
N ASN A 241 -20.79 -0.95 7.27
CA ASN A 241 -20.18 -2.24 7.65
C ASN A 241 -18.68 -2.15 7.91
N PHE A 242 -18.29 -1.17 8.72
CA PHE A 242 -16.91 -0.98 9.16
C PHE A 242 -16.87 -0.69 10.66
N GLY A 243 -15.83 -1.16 11.34
CA GLY A 243 -15.59 -0.88 12.76
C GLY A 243 -16.20 -1.85 13.76
N ASP A 244 -16.64 -3.02 13.29
CA ASP A 244 -17.11 -4.10 14.17
C ASP A 244 -15.91 -5.01 14.47
N PRO A 245 -15.56 -5.19 15.76
CA PRO A 245 -14.38 -6.00 16.09
C PRO A 245 -14.50 -7.51 15.78
N VAL A 246 -15.72 -8.02 15.62
CA VAL A 246 -15.97 -9.45 15.42
C VAL A 246 -16.13 -9.84 13.95
N ARG A 247 -16.92 -9.06 13.19
CA ARG A 247 -17.33 -9.45 11.83
C ARG A 247 -17.85 -8.27 10.99
N ASP A 248 -17.31 -8.12 9.78
CA ASP A 248 -17.78 -7.07 8.86
C ASP A 248 -18.14 -7.71 7.54
N TYR A 249 -19.37 -7.42 7.08
CA TYR A 249 -19.86 -7.87 5.79
C TYR A 249 -19.53 -6.82 4.75
N TYR A 250 -18.77 -7.21 3.73
CA TYR A 250 -18.35 -6.29 2.68
C TYR A 250 -19.51 -6.13 1.69
N ALA A 251 -20.59 -5.50 2.17
CA ALA A 251 -21.85 -5.41 1.44
C ALA A 251 -21.77 -4.52 0.21
N GLU A 252 -20.93 -3.48 0.29
CA GLU A 252 -20.64 -2.63 -0.87
C GLU A 252 -20.02 -3.39 -2.06
N ASP A 253 -19.41 -4.54 -1.78
CA ASP A 253 -18.93 -5.48 -2.81
C ASP A 253 -17.84 -4.80 -3.67
N ILE A 254 -17.99 -4.82 -5.00
CA ILE A 254 -17.04 -4.15 -5.87
C ILE A 254 -17.17 -2.63 -5.80
N TYR A 255 -18.26 -2.11 -5.22
CA TYR A 255 -18.53 -0.67 -5.23
C TYR A 255 -17.82 0.03 -4.05
N VAL A 256 -16.50 0.08 -4.18
CA VAL A 256 -15.57 0.64 -3.21
C VAL A 256 -15.04 1.95 -3.78
N GLY A 257 -15.16 3.03 -2.99
CA GLY A 257 -14.57 4.30 -3.37
C GLY A 257 -15.29 4.90 -4.56
N TYR A 258 -14.54 5.34 -5.56
CA TYR A 258 -15.13 5.94 -6.76
C TYR A 258 -15.98 4.96 -7.56
N ARG A 259 -15.76 3.65 -7.41
CA ARG A 259 -16.65 2.67 -8.00
C ARG A 259 -18.10 2.79 -7.48
N TYR A 260 -18.24 3.17 -6.21
CA TYR A 260 -19.55 3.50 -5.64
C TYR A 260 -19.99 4.91 -6.00
N PHE A 261 -19.19 5.91 -5.67
CA PHE A 261 -19.60 7.33 -5.75
C PHE A 261 -19.91 7.81 -7.17
N GLU A 262 -19.09 7.43 -8.14
CA GLU A 262 -19.30 7.84 -9.52
C GLU A 262 -20.50 7.13 -10.16
N THR A 263 -20.80 5.94 -9.67
CA THR A 263 -21.89 5.13 -10.18
C THR A 263 -23.24 5.52 -9.59
N PHE A 264 -23.27 5.82 -8.28
CA PHE A 264 -24.53 6.02 -7.55
C PHE A 264 -24.71 7.39 -6.89
N GLU A 265 -23.63 8.10 -6.58
CA GLU A 265 -23.70 9.23 -5.65
C GLU A 265 -22.71 10.35 -5.95
N LYS A 266 -22.74 10.85 -7.18
CA LYS A 266 -21.80 11.89 -7.62
C LYS A 266 -21.81 13.14 -6.74
N SER A 267 -23.00 13.55 -6.29
CA SER A 267 -23.16 14.77 -5.48
C SER A 267 -22.61 14.68 -4.05
N LYS A 268 -22.34 13.48 -3.55
CA LYS A 268 -21.67 13.30 -2.26
C LYS A 268 -20.12 13.41 -2.33
N VAL A 269 -19.57 13.63 -3.53
CA VAL A 269 -18.12 13.79 -3.72
C VAL A 269 -17.72 15.26 -3.59
N ARG A 270 -16.83 15.58 -2.65
CA ARG A 270 -16.16 16.88 -2.64
C ARG A 270 -15.00 16.86 -3.64
N TYR A 271 -14.11 15.87 -3.51
CA TYR A 271 -12.98 15.73 -4.42
C TYR A 271 -12.96 14.31 -4.97
N PRO A 272 -12.97 14.16 -6.31
CA PRO A 272 -12.99 12.82 -6.87
C PRO A 272 -11.63 12.14 -6.89
N PHE A 273 -11.66 10.80 -7.06
CA PHE A 273 -10.45 10.03 -7.23
C PHE A 273 -9.62 10.60 -8.38
N GLY A 274 -8.32 10.71 -8.16
CA GLY A 274 -7.40 11.25 -9.15
C GLY A 274 -7.32 12.77 -9.20
N TYR A 275 -8.01 13.45 -8.28
CA TYR A 275 -8.06 14.91 -8.30
C TYR A 275 -6.78 15.50 -7.76
N GLY A 276 -6.31 16.54 -8.42
CA GLY A 276 -5.25 17.38 -7.90
C GLY A 276 -4.97 18.50 -8.86
N ILE A 277 -4.58 19.65 -8.32
CA ILE A 277 -4.28 20.83 -9.13
C ILE A 277 -2.82 21.27 -9.02
N SER A 278 -2.48 22.29 -9.80
CA SER A 278 -1.13 22.71 -10.09
C SER A 278 -1.13 24.23 -10.04
N TYR A 279 0.06 24.84 -10.08
CA TYR A 279 0.20 26.29 -10.26
C TYR A 279 -0.04 26.72 -11.70
N THR A 280 -0.10 25.77 -12.63
CA THR A 280 -0.53 26.02 -14.00
C THR A 280 -1.83 25.28 -14.30
N GLU A 281 -2.28 25.39 -15.55
CA GLU A 281 -3.52 24.77 -16.01
C GLU A 281 -3.18 23.94 -17.24
N PHE A 282 -3.93 22.86 -17.43
CA PHE A 282 -3.66 21.92 -18.51
C PHE A 282 -4.94 21.63 -19.29
N GLU A 283 -4.76 21.27 -20.55
CA GLU A 283 -5.86 20.95 -21.43
C GLU A 283 -5.58 19.55 -21.99
N HIS A 284 -6.51 18.63 -21.79
CA HIS A 284 -6.36 17.25 -22.28
C HIS A 284 -7.21 17.06 -23.53
N THR A 285 -6.57 16.77 -24.66
CA THR A 285 -7.27 16.64 -25.94
C THR A 285 -7.24 15.18 -26.36
N VAL A 286 -8.43 14.61 -26.54
CA VAL A 286 -8.54 13.19 -26.90
C VAL A 286 -8.00 12.97 -28.31
N GLY A 287 -7.31 11.85 -28.51
CA GLY A 287 -6.61 11.57 -29.78
C GLY A 287 -7.11 10.30 -30.44
N GLU A 288 -6.23 9.64 -31.17
CA GLU A 288 -6.56 8.41 -31.88
C GLU A 288 -7.00 7.30 -30.91
N PHE A 289 -8.02 6.54 -31.30
CA PHE A 289 -8.46 5.36 -30.56
C PHE A 289 -8.60 4.17 -31.49
N THR A 290 -8.01 3.03 -31.12
CA THR A 290 -8.24 1.78 -31.83
C THR A 290 -8.47 0.67 -30.81
N ALA A 291 -9.14 -0.39 -31.26
CA ALA A 291 -9.31 -1.61 -30.48
C ALA A 291 -8.83 -2.78 -31.30
N ASP A 292 -8.31 -3.80 -30.64
CA ASP A 292 -7.86 -5.02 -31.27
C ASP A 292 -8.45 -6.18 -30.46
N ILE A 293 -9.66 -6.59 -30.85
CA ILE A 293 -10.41 -7.60 -30.11
C ILE A 293 -9.69 -8.94 -30.07
N ASN A 294 -8.98 -9.31 -31.14
CA ASN A 294 -8.29 -10.60 -31.18
C ASN A 294 -7.12 -10.65 -30.20
N SER A 295 -6.37 -9.55 -30.09
CA SER A 295 -5.31 -9.39 -29.08
C SER A 295 -5.83 -9.02 -27.69
N ARG A 296 -7.12 -8.74 -27.56
CA ARG A 296 -7.73 -8.29 -26.31
C ARG A 296 -7.00 -7.08 -25.71
N THR A 297 -6.80 -6.08 -26.56
CA THR A 297 -6.30 -4.77 -26.12
C THR A 297 -7.07 -3.66 -26.81
N PHE A 298 -6.97 -2.46 -26.25
CA PHE A 298 -7.24 -1.24 -27.00
C PHE A 298 -6.07 -0.30 -26.81
N THR A 299 -5.95 0.66 -27.71
CA THR A 299 -4.90 1.66 -27.67
C THR A 299 -5.56 3.03 -27.75
N ALA A 300 -5.29 3.87 -26.77
CA ALA A 300 -5.89 5.19 -26.69
C ALA A 300 -4.79 6.21 -26.55
N SER A 301 -4.91 7.30 -27.30
CA SER A 301 -3.99 8.42 -27.27
C SER A 301 -4.69 9.69 -26.86
N CYS A 302 -3.92 10.61 -26.31
CA CYS A 302 -4.39 11.97 -26.03
C CYS A 302 -3.18 12.89 -25.98
N THR A 303 -3.43 14.19 -26.01
CA THR A 303 -2.38 15.17 -25.85
C THR A 303 -2.68 16.03 -24.63
N VAL A 304 -1.67 16.25 -23.78
CA VAL A 304 -1.79 17.13 -22.61
C VAL A 304 -0.94 18.36 -22.90
N LYS A 305 -1.56 19.52 -22.77
CA LYS A 305 -0.87 20.77 -23.07
C LYS A 305 -0.95 21.70 -21.87
N ASN A 306 0.19 22.32 -21.54
CA ASN A 306 0.24 23.33 -20.49
C ASN A 306 -0.31 24.61 -21.09
N THR A 307 -1.49 25.03 -20.64
CA THR A 307 -2.13 26.25 -21.13
C THR A 307 -1.98 27.44 -20.17
N GLY A 308 -1.21 27.29 -19.08
CA GLY A 308 -0.96 28.39 -18.15
C GLY A 308 0.44 28.93 -18.31
N SER A 309 0.92 29.66 -17.32
CA SER A 309 2.14 30.47 -17.45
C SER A 309 3.39 29.97 -16.69
N VAL A 310 3.32 28.76 -16.11
CA VAL A 310 4.44 28.19 -15.36
C VAL A 310 4.59 26.72 -15.71
N ALA A 311 5.84 26.24 -15.75
CA ALA A 311 6.11 24.84 -16.09
C ALA A 311 5.51 23.87 -15.07
N GLY A 312 5.10 22.70 -15.55
CA GLY A 312 4.54 21.70 -14.64
C GLY A 312 4.23 20.37 -15.29
N LYS A 313 4.03 19.36 -14.45
CA LYS A 313 3.52 18.04 -14.86
C LYS A 313 2.02 17.92 -14.62
N ASP A 314 1.36 17.06 -15.40
CA ASP A 314 -0.01 16.64 -15.14
C ASP A 314 -0.09 15.14 -15.35
N VAL A 315 -1.20 14.54 -14.93
CA VAL A 315 -1.42 13.10 -15.13
C VAL A 315 -2.63 12.86 -16.04
N ALA A 316 -2.41 12.14 -17.14
CA ALA A 316 -3.50 11.63 -17.97
C ALA A 316 -3.99 10.32 -17.34
N GLN A 317 -5.28 10.24 -17.07
CA GLN A 317 -5.90 9.08 -16.41
C GLN A 317 -6.95 8.51 -17.35
N PHE A 318 -6.90 7.20 -17.57
CA PHE A 318 -7.78 6.52 -18.49
C PHE A 318 -8.73 5.57 -17.74
N TYR A 319 -10.02 5.67 -18.07
CA TYR A 319 -11.06 4.86 -17.45
C TYR A 319 -11.93 4.15 -18.49
N VAL A 320 -12.50 3.01 -18.10
CA VAL A 320 -13.44 2.25 -18.94
C VAL A 320 -14.79 2.14 -18.27
N SER A 321 -15.85 2.43 -19.02
CA SER A 321 -17.20 2.10 -18.64
C SER A 321 -17.64 0.82 -19.35
N ALA A 322 -17.87 -0.24 -18.58
CA ALA A 322 -18.33 -1.52 -19.12
C ALA A 322 -19.86 -1.50 -19.21
N PRO A 323 -20.44 -2.27 -20.16
CA PRO A 323 -21.88 -2.39 -20.22
C PRO A 323 -22.38 -3.10 -18.98
N GLN A 324 -23.51 -2.65 -18.43
CA GLN A 324 -24.02 -3.20 -17.18
C GLN A 324 -24.18 -4.72 -17.25
N GLY A 325 -24.70 -5.22 -18.37
CA GLY A 325 -24.90 -6.65 -18.55
C GLY A 325 -25.77 -7.23 -17.45
N LYS A 326 -25.55 -8.50 -17.14
CA LYS A 326 -26.26 -9.17 -16.05
C LYS A 326 -25.59 -9.01 -14.69
N LEU A 327 -24.28 -8.76 -14.67
CA LEU A 327 -23.54 -8.61 -13.41
C LEU A 327 -23.72 -7.25 -12.76
N GLY A 328 -23.93 -6.20 -13.57
CA GLY A 328 -23.86 -4.82 -13.10
C GLY A 328 -22.42 -4.37 -12.97
N LYS A 329 -22.18 -3.07 -13.18
CA LYS A 329 -20.82 -2.52 -13.28
C LYS A 329 -20.70 -1.17 -12.63
N PRO A 330 -19.49 -0.83 -12.14
CA PRO A 330 -19.26 0.57 -11.81
C PRO A 330 -19.25 1.40 -13.10
N GLU A 331 -19.66 2.66 -12.99
CA GLU A 331 -19.66 3.56 -14.13
C GLU A 331 -18.29 3.60 -14.80
N LYS A 332 -17.23 3.73 -14.01
CA LYS A 332 -15.87 3.86 -14.53
C LYS A 332 -14.86 3.11 -13.66
N VAL A 333 -13.91 2.46 -14.31
CA VAL A 333 -12.79 1.80 -13.64
C VAL A 333 -11.48 2.28 -14.27
N LEU A 334 -10.51 2.64 -13.41
CA LEU A 334 -9.19 3.05 -13.86
C LEU A 334 -8.48 1.88 -14.51
N VAL A 335 -7.93 2.12 -15.70
CA VAL A 335 -7.18 1.11 -16.46
C VAL A 335 -5.78 1.52 -16.90
N ALA A 336 -5.44 2.81 -16.83
CA ALA A 336 -4.12 3.27 -17.23
C ALA A 336 -3.97 4.71 -16.80
N PHE A 337 -2.72 5.10 -16.56
CA PHE A 337 -2.42 6.48 -16.30
C PHE A 337 -0.98 6.76 -16.71
N LYS A 338 -0.69 8.02 -16.98
CA LYS A 338 0.65 8.42 -17.34
C LYS A 338 0.86 9.86 -16.97
N LYS A 339 1.89 10.09 -16.17
CA LYS A 339 2.31 11.42 -15.81
C LYS A 339 3.23 11.98 -16.90
N THR A 340 3.00 13.24 -17.27
CA THR A 340 3.81 13.90 -18.28
C THR A 340 5.16 14.23 -17.70
N GLY A 341 6.13 14.50 -18.58
CA GLY A 341 7.32 15.24 -18.19
C GLY A 341 6.94 16.65 -17.77
N ILE A 342 7.92 17.42 -17.31
CA ILE A 342 7.72 18.83 -17.03
C ILE A 342 7.42 19.51 -18.36
N LEU A 343 6.28 20.17 -18.46
CA LEU A 343 5.88 20.87 -19.67
C LEU A 343 5.99 22.36 -19.44
N ASN A 344 6.80 23.04 -20.25
CA ASN A 344 6.83 24.50 -20.25
C ASN A 344 5.53 25.09 -20.79
N PRO A 345 5.28 26.39 -20.49
CA PRO A 345 4.03 27.02 -20.94
C PRO A 345 3.81 26.89 -22.44
N GLY A 346 2.59 26.55 -22.85
CA GLY A 346 2.27 26.37 -24.26
C GLY A 346 2.78 25.10 -24.92
N LYS A 347 3.51 24.26 -24.18
CA LYS A 347 4.04 23.01 -24.74
C LYS A 347 3.10 21.86 -24.40
N GLU A 348 3.32 20.73 -25.08
CA GLU A 348 2.46 19.56 -24.93
C GLU A 348 3.18 18.23 -25.07
N GLU A 349 2.49 17.18 -24.64
CA GLU A 349 3.02 15.83 -24.70
C GLU A 349 1.91 14.89 -25.14
N LYS A 350 2.21 14.05 -26.11
CA LYS A 350 1.29 13.01 -26.56
C LYS A 350 1.47 11.77 -25.72
N ILE A 351 0.39 11.29 -25.13
CA ILE A 351 0.40 10.09 -24.31
C ILE A 351 -0.39 9.02 -25.02
N THR A 352 0.20 7.84 -25.16
CA THR A 352 -0.46 6.69 -25.73
C THR A 352 -0.37 5.53 -24.75
N VAL A 353 -1.48 4.84 -24.52
CA VAL A 353 -1.51 3.66 -23.65
C VAL A 353 -2.10 2.48 -24.42
N THR A 354 -1.56 1.28 -24.19
CA THR A 354 -2.19 0.05 -24.64
C THR A 354 -2.71 -0.69 -23.40
N VAL A 355 -3.99 -1.02 -23.41
CA VAL A 355 -4.71 -1.52 -22.25
C VAL A 355 -5.24 -2.93 -22.57
N PRO A 356 -4.74 -3.96 -21.85
CA PRO A 356 -5.33 -5.29 -22.03
C PRO A 356 -6.71 -5.39 -21.41
N PHE A 357 -7.57 -6.21 -22.01
CA PHE A 357 -8.96 -6.37 -21.57
C PHE A 357 -9.09 -6.84 -20.13
N ASP A 358 -8.12 -7.59 -19.64
CA ASP A 358 -8.13 -8.03 -18.24
C ASP A 358 -8.16 -6.85 -17.23
N ARG A 359 -7.75 -5.65 -17.64
CA ARG A 359 -7.84 -4.48 -16.74
C ARG A 359 -9.27 -4.05 -16.41
N PHE A 360 -10.23 -4.40 -17.26
CA PHE A 360 -11.62 -4.01 -17.00
C PHE A 360 -12.59 -5.17 -17.15
N ALA A 361 -12.12 -6.38 -16.87
CA ALA A 361 -12.98 -7.55 -16.86
C ALA A 361 -13.71 -7.64 -15.52
N SER A 362 -14.73 -8.51 -15.48
CA SER A 362 -15.56 -8.70 -14.29
C SER A 362 -15.55 -10.16 -13.93
N PHE A 363 -15.53 -10.46 -12.63
CA PHE A 363 -15.53 -11.85 -12.17
C PHE A 363 -16.96 -12.30 -11.93
N ASP A 364 -17.39 -13.35 -12.65
CA ASP A 364 -18.74 -13.88 -12.52
C ASP A 364 -18.74 -14.94 -11.40
N ASP A 365 -19.21 -14.54 -10.22
CA ASP A 365 -19.35 -15.45 -9.07
C ASP A 365 -20.76 -16.05 -8.85
N THR A 366 -21.68 -15.81 -9.78
CA THR A 366 -23.04 -16.36 -9.71
C THR A 366 -23.36 -17.37 -10.83
N GLY A 367 -22.74 -17.20 -12.00
CA GLY A 367 -23.04 -17.97 -13.20
C GLY A 367 -23.97 -17.28 -14.20
N VAL A 368 -24.52 -16.11 -13.85
CA VAL A 368 -25.48 -15.42 -14.72
C VAL A 368 -24.97 -15.09 -16.15
N THR A 369 -23.66 -14.95 -16.33
CA THR A 369 -23.08 -14.72 -17.65
C THR A 369 -22.86 -15.98 -18.49
N GLY A 370 -23.06 -17.17 -17.90
CA GLY A 370 -22.71 -18.43 -18.55
C GLY A 370 -21.28 -18.93 -18.30
N ALA A 371 -20.48 -18.15 -17.56
CA ALA A 371 -19.09 -18.48 -17.30
C ALA A 371 -18.75 -18.24 -15.83
N GLU A 372 -19.32 -19.05 -14.95
CA GLU A 372 -19.06 -18.93 -13.51
C GLU A 372 -17.57 -19.16 -13.21
N SER A 373 -17.06 -18.45 -12.21
CA SER A 373 -15.65 -18.55 -11.82
C SER A 373 -14.69 -18.10 -12.92
N CYS A 374 -15.14 -17.17 -13.78
CA CYS A 374 -14.31 -16.62 -14.84
C CYS A 374 -14.28 -15.11 -14.77
N PHE A 375 -13.19 -14.53 -15.25
CA PHE A 375 -13.19 -13.13 -15.62
C PHE A 375 -13.80 -13.05 -17.01
N VAL A 376 -14.75 -12.12 -17.18
CA VAL A 376 -15.45 -11.96 -18.44
C VAL A 376 -15.67 -10.50 -18.82
N LEU A 377 -15.74 -10.28 -20.13
CA LEU A 377 -16.27 -9.04 -20.69
C LEU A 377 -17.66 -9.39 -21.22
N GLU A 378 -18.69 -8.90 -20.55
CA GLU A 378 -20.04 -9.13 -21.03
C GLU A 378 -20.30 -8.35 -22.32
N ALA A 379 -21.24 -8.87 -23.11
CA ALA A 379 -21.60 -8.28 -24.40
C ALA A 379 -22.15 -6.88 -24.20
N GLY A 380 -21.83 -5.99 -25.14
CA GLY A 380 -22.31 -4.61 -25.11
C GLY A 380 -21.23 -3.59 -25.44
N GLU A 381 -21.55 -2.33 -25.18
CA GLU A 381 -20.66 -1.22 -25.50
C GLU A 381 -19.68 -0.94 -24.36
N TYR A 382 -18.41 -0.84 -24.71
CA TYR A 382 -17.34 -0.42 -23.80
C TYR A 382 -16.91 0.98 -24.20
N THR A 383 -17.03 1.94 -23.28
CA THR A 383 -16.62 3.32 -23.55
C THR A 383 -15.37 3.65 -22.73
N VAL A 384 -14.34 4.13 -23.41
CA VAL A 384 -13.08 4.57 -22.80
C VAL A 384 -13.13 6.08 -22.60
N TYR A 385 -12.66 6.53 -21.43
CA TYR A 385 -12.58 7.96 -21.08
C TYR A 385 -11.16 8.33 -20.65
N GLU A 386 -10.77 9.57 -20.94
CA GLU A 386 -9.49 10.11 -20.48
C GLU A 386 -9.74 11.46 -19.83
N GLY A 387 -8.98 11.77 -18.78
CA GLY A 387 -9.02 13.09 -18.20
C GLY A 387 -8.15 13.30 -16.98
N LYS A 388 -8.41 14.41 -16.31
CA LYS A 388 -7.62 14.88 -15.17
C LYS A 388 -7.95 14.14 -13.90
N ASN A 389 -9.16 13.58 -13.85
CA ASN A 389 -9.61 12.77 -12.74
C ASN A 389 -10.83 11.95 -13.20
N VAL A 390 -11.35 11.07 -12.35
CA VAL A 390 -12.46 10.19 -12.77
C VAL A 390 -13.70 10.98 -13.16
N ARG A 391 -14.02 12.05 -12.41
CA ARG A 391 -15.18 12.89 -12.72
C ARG A 391 -14.99 13.63 -14.03
N GLU A 392 -13.87 14.32 -14.15
CA GLU A 392 -13.56 15.09 -15.33
C GLU A 392 -12.75 14.23 -16.30
N SER A 393 -13.34 13.10 -16.71
CA SER A 393 -12.80 12.26 -17.77
C SER A 393 -13.86 12.21 -18.88
N TYR A 394 -13.41 12.31 -20.12
CA TYR A 394 -14.30 12.49 -21.27
C TYR A 394 -14.03 11.46 -22.34
N LYS A 395 -15.04 11.26 -23.19
CA LYS A 395 -15.04 10.13 -24.11
C LYS A 395 -13.81 10.15 -25.02
N GLU A 396 -13.14 9.01 -25.03
CA GLU A 396 -11.96 8.80 -25.85
C GLU A 396 -12.28 7.89 -27.05
N GLY A 397 -13.19 6.93 -26.86
CA GLY A 397 -13.60 6.02 -27.92
C GLY A 397 -14.52 4.95 -27.37
N SER A 398 -15.06 4.12 -28.26
CA SER A 398 -15.86 3.00 -27.84
C SER A 398 -15.76 1.86 -28.81
N PHE A 399 -16.11 0.68 -28.32
CA PHE A 399 -16.28 -0.50 -29.14
C PHE A 399 -17.36 -1.37 -28.52
N THR A 400 -17.94 -2.24 -29.34
CA THR A 400 -19.08 -3.05 -28.93
C THR A 400 -18.81 -4.52 -29.21
N LEU A 401 -19.07 -5.35 -28.21
CA LEU A 401 -18.95 -6.79 -28.32
C LEU A 401 -20.36 -7.37 -28.43
N GLU A 402 -20.57 -8.17 -29.48
CA GLU A 402 -21.85 -8.86 -29.66
C GLU A 402 -21.95 -10.11 -28.79
N GLU A 403 -20.82 -10.65 -28.35
CA GLU A 403 -20.85 -11.74 -27.38
C GLU A 403 -19.77 -11.65 -26.31
N ASN A 404 -20.05 -12.31 -25.20
CA ASN A 404 -19.16 -12.34 -24.04
C ASN A 404 -17.81 -12.90 -24.45
N ILE A 405 -16.75 -12.34 -23.89
CA ILE A 405 -15.41 -12.86 -24.02
C ILE A 405 -14.92 -13.25 -22.62
N VAL A 406 -14.54 -14.50 -22.46
CA VAL A 406 -13.89 -14.97 -21.25
C VAL A 406 -12.39 -14.62 -21.31
N THR A 407 -11.96 -13.69 -20.45
CA THR A 407 -10.54 -13.34 -20.39
C THR A 407 -9.73 -14.36 -19.60
N GLU A 408 -10.34 -15.01 -18.61
CA GLU A 408 -9.65 -16.07 -17.88
C GLU A 408 -10.60 -17.01 -17.16
N LYS A 409 -10.32 -18.31 -17.25
CA LYS A 409 -11.05 -19.34 -16.52
C LYS A 409 -10.33 -19.59 -15.21
N LEU A 410 -11.01 -19.37 -14.10
CA LEU A 410 -10.45 -19.58 -12.75
C LEU A 410 -11.28 -20.64 -12.03
N SER A 411 -11.42 -20.56 -10.71
CA SER A 411 -12.18 -21.57 -9.97
C SER A 411 -12.93 -20.90 -8.87
N LYS A 412 -13.79 -21.70 -8.22
CA LYS A 412 -14.50 -21.26 -7.04
C LYS A 412 -13.51 -21.34 -5.89
N ALA A 413 -13.08 -20.19 -5.39
CA ALA A 413 -12.03 -20.13 -4.38
C ALA A 413 -12.27 -18.97 -3.43
N LEU A 414 -12.12 -19.27 -2.14
CA LEU A 414 -12.19 -18.27 -1.08
C LEU A 414 -13.59 -17.71 -0.97
N ALA A 415 -14.57 -18.58 -1.23
CA ALA A 415 -15.97 -18.16 -1.31
C ALA A 415 -16.54 -17.99 0.10
N PRO A 416 -17.49 -17.06 0.27
CA PRO A 416 -18.06 -16.85 1.60
C PRO A 416 -18.85 -18.06 2.12
N MET A 417 -18.76 -18.31 3.42
CA MET A 417 -19.36 -19.48 4.07
C MET A 417 -20.75 -19.20 4.62
N GLU A 418 -21.21 -17.95 4.49
CA GLU A 418 -22.55 -17.58 4.93
C GLU A 418 -23.13 -16.57 3.95
N SER A 419 -24.46 -16.53 3.87
CA SER A 419 -25.14 -15.60 2.99
C SER A 419 -25.19 -14.20 3.63
N PHE A 420 -25.23 -13.20 2.76
CA PHE A 420 -25.44 -11.81 3.15
C PHE A 420 -25.85 -11.07 1.89
N LYS A 421 -26.41 -9.89 2.08
CA LYS A 421 -26.86 -9.07 0.96
C LYS A 421 -25.75 -8.10 0.52
N ARG A 422 -25.56 -8.00 -0.79
CA ARG A 422 -24.58 -7.07 -1.37
C ARG A 422 -25.25 -6.06 -2.27
N MET A 423 -24.62 -4.91 -2.42
CA MET A 423 -25.05 -3.90 -3.38
C MET A 423 -25.00 -4.45 -4.79
N LYS A 424 -25.96 -4.01 -5.60
CA LYS A 424 -26.11 -4.42 -6.99
C LYS A 424 -26.47 -3.17 -7.76
N ALA A 425 -25.82 -2.93 -8.90
CA ALA A 425 -26.21 -1.82 -9.78
C ALA A 425 -27.53 -2.17 -10.44
N SER A 426 -28.53 -1.31 -10.26
CA SER A 426 -29.85 -1.48 -10.88
C SER A 426 -30.12 -0.30 -11.81
N GLU A 427 -30.38 -0.59 -13.07
CA GLU A 427 -30.59 0.41 -14.10
C GLU A 427 -32.07 0.82 -14.09
N ASN A 428 -32.35 2.04 -13.62
CA ASN A 428 -33.73 2.53 -13.47
C ASN A 428 -34.40 2.82 -14.81
N SER A 429 -35.72 2.92 -14.77
CA SER A 429 -36.56 3.23 -15.93
C SER A 429 -36.00 4.38 -16.79
N ASP A 430 -35.58 5.46 -16.14
CA ASP A 430 -34.97 6.61 -16.85
C ASP A 430 -33.60 6.28 -17.49
N GLY A 431 -32.81 5.44 -16.84
CA GLY A 431 -31.49 5.03 -17.35
C GLY A 431 -30.32 5.24 -16.40
N THR A 432 -30.55 5.99 -15.32
CA THR A 432 -29.55 6.14 -14.23
C THR A 432 -29.47 4.87 -13.39
N LEU A 433 -28.46 4.82 -12.53
CA LEU A 433 -28.18 3.64 -11.72
C LEU A 433 -28.51 3.89 -10.26
N SER A 434 -29.21 2.93 -9.65
CA SER A 434 -29.52 2.94 -8.21
C SER A 434 -28.97 1.69 -7.54
N VAL A 435 -28.81 1.77 -6.22
CA VAL A 435 -28.38 0.64 -5.40
C VAL A 435 -29.59 -0.23 -5.06
N LYS A 436 -29.52 -1.51 -5.41
CA LYS A 436 -30.42 -2.53 -4.87
C LYS A 436 -29.54 -3.60 -4.22
N TYR A 437 -30.18 -4.55 -3.53
CA TYR A 437 -29.45 -5.63 -2.86
C TYR A 437 -29.84 -7.01 -3.40
N GLU A 438 -28.89 -7.93 -3.37
CA GLU A 438 -29.11 -9.31 -3.78
C GLU A 438 -28.33 -10.21 -2.85
N ASP A 439 -28.77 -11.46 -2.72
CA ASP A 439 -28.12 -12.43 -1.84
C ASP A 439 -26.84 -12.93 -2.48
N VAL A 440 -25.75 -12.93 -1.74
CA VAL A 440 -24.51 -13.52 -2.21
C VAL A 440 -24.64 -15.03 -2.00
N PRO A 441 -24.46 -15.84 -3.06
CA PRO A 441 -24.55 -17.28 -2.87
C PRO A 441 -23.43 -17.83 -1.99
N VAL A 442 -23.74 -18.93 -1.30
CA VAL A 442 -22.82 -19.53 -0.34
C VAL A 442 -21.87 -20.49 -1.07
N SER A 443 -20.66 -20.64 -0.53
CA SER A 443 -19.67 -21.61 -1.01
C SER A 443 -20.23 -23.04 -1.02
N ASP A 444 -20.01 -23.77 -2.11
CA ASP A 444 -20.30 -25.22 -2.17
C ASP A 444 -19.02 -26.06 -2.34
N VAL A 445 -17.87 -25.47 -2.01
CA VAL A 445 -16.57 -26.12 -2.22
C VAL A 445 -16.34 -27.13 -1.10
N ASP A 446 -15.98 -28.35 -1.48
CA ASP A 446 -15.50 -29.36 -0.54
C ASP A 446 -14.00 -29.10 -0.32
N GLU A 447 -13.67 -28.46 0.80
CA GLU A 447 -12.30 -28.05 1.07
C GLU A 447 -11.36 -29.22 1.35
N LYS A 448 -11.86 -30.20 2.10
CA LYS A 448 -11.04 -31.39 2.40
C LYS A 448 -10.70 -32.16 1.12
N LYS A 449 -11.66 -32.28 0.22
CA LYS A 449 -11.46 -32.96 -1.06
C LYS A 449 -10.43 -32.24 -1.94
N ARG A 450 -10.57 -30.92 -2.06
CA ARG A 450 -9.66 -30.09 -2.88
C ARG A 450 -8.20 -30.26 -2.46
N ARG A 451 -7.95 -30.21 -1.16
CA ARG A 451 -6.62 -30.49 -0.61
C ARG A 451 -6.16 -31.90 -0.98
N LEU A 452 -7.02 -32.89 -0.78
CA LEU A 452 -6.67 -34.29 -1.08
C LEU A 452 -6.42 -34.54 -2.57
N ASP A 453 -7.27 -34.01 -3.44
CA ASP A 453 -7.08 -34.17 -4.90
C ASP A 453 -5.84 -33.48 -5.49
N ASN A 454 -5.30 -32.47 -4.81
CA ASN A 454 -4.13 -31.73 -5.31
C ASN A 454 -2.90 -31.91 -4.42
N MET A 455 -2.83 -33.04 -3.72
CA MET A 455 -1.76 -33.32 -2.78
C MET A 455 -0.43 -33.45 -3.53
N PRO A 456 0.61 -32.70 -3.12
CA PRO A 456 1.90 -32.92 -3.79
C PRO A 456 2.48 -34.31 -3.51
N VAL A 457 3.38 -34.76 -4.36
CA VAL A 457 4.01 -36.07 -4.23
C VAL A 457 5.18 -35.97 -3.25
N GLU A 458 5.30 -36.97 -2.39
CA GLU A 458 6.38 -37.04 -1.42
C GLU A 458 7.69 -37.36 -2.13
N ILE A 459 8.76 -36.73 -1.68
CA ILE A 459 10.11 -37.04 -2.16
C ILE A 459 10.76 -37.99 -1.16
N PRO A 460 11.16 -39.21 -1.60
CA PRO A 460 11.76 -40.15 -0.65
C PRO A 460 13.01 -39.56 -0.01
N GLN A 461 13.11 -39.66 1.31
CA GLN A 461 14.25 -39.12 2.02
C GLN A 461 15.48 -39.98 1.80
N ASP A 462 16.64 -39.34 1.84
CA ASP A 462 17.93 -39.97 1.66
C ASP A 462 18.96 -39.14 2.43
N PHE A 463 19.29 -39.59 3.65
CA PHE A 463 20.19 -38.83 4.52
C PHE A 463 21.67 -38.99 4.18
N THR A 464 22.02 -39.95 3.31
CA THR A 464 23.41 -40.09 2.84
C THR A 464 23.77 -39.04 1.78
N ALA A 465 22.77 -38.52 1.05
CA ALA A 465 22.97 -37.42 0.09
C ALA A 465 23.70 -36.24 0.74
N ARG A 466 24.73 -35.75 0.09
CA ARG A 466 25.58 -34.69 0.63
C ARG A 466 25.45 -33.41 -0.20
N TYR A 467 24.32 -33.25 -0.87
CA TYR A 467 24.10 -32.09 -1.73
C TYR A 467 23.93 -30.84 -0.87
N SER A 468 24.56 -29.77 -1.31
CA SER A 468 24.47 -28.46 -0.68
C SER A 468 23.41 -27.69 -1.44
N LEU A 469 22.92 -26.59 -0.87
CA LEU A 469 22.02 -25.70 -1.62
C LEU A 469 22.77 -25.02 -2.77
N LYS A 470 24.10 -24.87 -2.62
CA LYS A 470 24.98 -24.43 -3.72
C LYS A 470 24.86 -25.28 -4.99
N ASP A 471 24.66 -26.60 -4.82
CA ASP A 471 24.50 -27.53 -5.96
C ASP A 471 23.16 -27.39 -6.69
N VAL A 472 22.15 -26.85 -6.01
CA VAL A 472 20.88 -26.56 -6.67
C VAL A 472 21.01 -25.25 -7.44
N LEU A 473 21.63 -24.25 -6.83
CA LEU A 473 21.79 -22.91 -7.41
C LEU A 473 22.55 -22.95 -8.74
N SER A 474 23.62 -23.73 -8.79
CA SER A 474 24.44 -23.89 -10.00
C SER A 474 23.79 -24.73 -11.12
N GLY A 475 22.69 -25.41 -10.82
CA GLY A 475 22.06 -26.36 -11.75
C GLY A 475 22.64 -27.77 -11.69
N SER A 476 23.61 -27.99 -10.82
CA SER A 476 24.29 -29.27 -10.66
C SER A 476 23.34 -30.41 -10.27
N VAL A 477 22.35 -30.10 -9.42
CA VAL A 477 21.27 -31.04 -9.09
C VAL A 477 19.91 -30.37 -9.03
N ASP A 478 18.88 -31.21 -9.07
CA ASP A 478 17.49 -30.79 -8.94
C ASP A 478 17.26 -30.38 -7.48
N MET A 479 16.36 -29.42 -7.26
CA MET A 479 15.91 -29.06 -5.92
C MET A 479 15.30 -30.28 -5.20
N GLU A 480 14.60 -31.13 -5.95
CA GLU A 480 14.05 -32.40 -5.43
C GLU A 480 15.12 -33.32 -4.83
N LYS A 481 16.27 -33.43 -5.49
CA LYS A 481 17.38 -34.24 -4.99
C LYS A 481 17.95 -33.69 -3.70
N PHE A 482 18.09 -32.37 -3.65
CA PHE A 482 18.60 -31.69 -2.45
C PHE A 482 17.69 -31.87 -1.25
N ILE A 483 16.40 -31.67 -1.47
CA ILE A 483 15.42 -31.64 -0.39
C ILE A 483 15.24 -33.01 0.28
N ALA A 484 15.51 -34.09 -0.45
CA ALA A 484 15.51 -35.45 0.10
C ALA A 484 16.40 -35.62 1.34
N ARG A 485 17.41 -34.76 1.46
CA ARG A 485 18.34 -34.77 2.59
C ARG A 485 17.70 -34.33 3.91
N LEU A 486 16.64 -33.50 3.85
CA LEU A 486 16.01 -32.96 5.05
C LEU A 486 15.24 -34.02 5.84
N SER A 487 15.62 -34.16 7.12
CA SER A 487 14.93 -35.02 8.07
C SER A 487 13.62 -34.37 8.48
N ASP A 488 12.77 -35.12 9.17
CA ASP A 488 11.52 -34.57 9.68
C ASP A 488 11.78 -33.44 10.68
N ASP A 489 12.84 -33.57 11.46
CA ASP A 489 13.34 -32.45 12.28
C ASP A 489 13.71 -31.22 11.45
N ASP A 490 14.48 -31.42 10.37
CA ASP A 490 14.88 -30.32 9.49
C ASP A 490 13.68 -29.67 8.84
N LEU A 491 12.73 -30.48 8.41
CA LEU A 491 11.50 -30.00 7.79
C LEU A 491 10.66 -29.18 8.76
N ALA A 492 10.51 -29.69 9.99
CA ALA A 492 9.74 -28.99 11.02
C ALA A 492 10.41 -27.71 11.46
N CYS A 493 11.73 -27.69 11.42
CA CYS A 493 12.49 -26.52 11.79
C CYS A 493 12.47 -25.41 10.71
N ILE A 494 12.56 -25.80 9.42
CA ILE A 494 12.72 -24.83 8.32
C ILE A 494 11.48 -23.96 8.10
N VAL A 495 10.31 -24.47 8.46
CA VAL A 495 9.06 -23.69 8.41
C VAL A 495 8.87 -22.69 9.58
N ARG A 496 9.84 -22.60 10.49
CA ARG A 496 9.78 -21.66 11.61
C ARG A 496 10.75 -20.52 11.38
N GLY A 497 10.23 -19.30 11.39
CA GLY A 497 11.03 -18.10 11.42
C GLY A 497 11.45 -17.84 12.84
N GLU A 498 12.63 -17.24 13.01
CA GLU A 498 13.17 -16.96 14.33
C GLU A 498 13.29 -15.46 14.50
N GLY A 499 12.85 -14.95 15.65
CA GLY A 499 12.85 -13.52 15.94
C GLY A 499 11.89 -13.19 17.07
N MET A 500 11.64 -11.92 17.34
CA MET A 500 12.41 -10.79 16.79
C MET A 500 13.80 -10.72 17.42
N GLY A 501 14.72 -10.08 16.70
CA GLY A 501 16.09 -9.94 17.16
C GLY A 501 16.85 -11.26 17.23
N SER A 502 16.64 -12.15 16.27
CA SER A 502 17.43 -13.38 16.18
C SER A 502 18.92 -13.04 16.06
N SER A 503 19.77 -13.83 16.72
CA SER A 503 21.21 -13.63 16.63
C SER A 503 21.81 -14.10 15.28
N LEU A 504 21.01 -14.76 14.44
CA LEU A 504 21.48 -15.25 13.14
C LEU A 504 21.63 -14.15 12.08
N VAL A 505 21.02 -12.99 12.31
CA VAL A 505 20.99 -11.89 11.36
C VAL A 505 21.19 -10.57 12.09
N THR A 506 21.37 -9.51 11.29
CA THR A 506 21.50 -8.15 11.78
C THR A 506 20.56 -7.85 12.94
N ALA A 507 21.13 -7.35 14.02
CA ALA A 507 20.41 -7.09 15.26
C ALA A 507 19.32 -6.07 15.05
N GLY A 508 18.22 -6.27 15.76
CA GLY A 508 17.12 -5.33 15.75
C GLY A 508 16.16 -5.45 14.58
N THR A 509 16.26 -6.53 13.82
CA THR A 509 15.37 -6.78 12.69
C THR A 509 14.22 -7.72 13.11
N ALA A 510 13.33 -8.03 12.17
CA ALA A 510 12.08 -8.71 12.48
C ALA A 510 12.23 -10.22 12.56
N ALA A 511 13.03 -10.81 11.68
CA ALA A 511 13.15 -12.26 11.62
C ALA A 511 14.35 -12.77 10.83
N ALA A 512 14.72 -14.00 11.15
CA ALA A 512 15.61 -14.83 10.37
C ALA A 512 14.81 -16.04 9.93
N PHE A 513 15.01 -16.49 8.69
CA PHE A 513 14.41 -17.74 8.23
C PHE A 513 15.38 -18.46 7.31
N GLY A 514 15.09 -19.73 7.08
CA GLY A 514 15.90 -20.61 6.24
C GLY A 514 16.89 -21.39 7.07
N GLY A 515 18.09 -20.83 7.23
CA GLY A 515 19.17 -21.48 7.97
C GLY A 515 19.02 -21.24 9.46
N VAL A 516 17.97 -21.83 10.04
CA VAL A 516 17.59 -21.59 11.44
C VAL A 516 18.00 -22.74 12.38
N SER A 517 18.88 -23.62 11.92
CA SER A 517 19.53 -24.62 12.77
C SER A 517 20.91 -24.87 12.21
N GLU A 518 21.76 -25.49 13.02
CA GLU A 518 23.10 -25.90 12.60
C GLU A 518 23.02 -26.85 11.40
N TYR A 519 22.06 -27.77 11.45
CA TYR A 519 21.85 -28.74 10.37
C TYR A 519 21.46 -28.08 9.04
N LEU A 520 20.54 -27.11 9.10
CA LEU A 520 20.10 -26.41 7.90
C LEU A 520 21.24 -25.54 7.32
N ARG A 521 21.94 -24.81 8.20
CA ARG A 521 23.10 -24.01 7.77
C ARG A 521 24.24 -24.86 7.21
N LYS A 522 24.44 -26.06 7.75
CA LYS A 522 25.41 -27.03 7.22
C LYS A 522 25.10 -27.47 5.77
N MET A 523 23.84 -27.42 5.36
CA MET A 523 23.44 -27.66 3.97
C MET A 523 23.53 -26.41 3.07
N ASP A 524 24.18 -25.35 3.57
CA ASP A 524 24.31 -24.06 2.88
C ASP A 524 22.98 -23.33 2.63
N ILE A 525 22.02 -23.54 3.54
CA ILE A 525 20.80 -22.75 3.59
C ILE A 525 21.14 -21.57 4.48
N PRO A 526 21.18 -20.34 3.93
CA PRO A 526 21.57 -19.19 4.72
C PRO A 526 20.43 -18.68 5.59
N ALA A 527 20.79 -17.96 6.65
CA ALA A 527 19.82 -17.23 7.45
C ALA A 527 19.46 -15.93 6.72
N VAL A 528 18.21 -15.88 6.23
CA VAL A 528 17.70 -14.75 5.47
C VAL A 528 17.02 -13.77 6.43
N CYS A 529 17.34 -12.48 6.29
CA CYS A 529 16.93 -11.47 7.25
C CYS A 529 15.73 -10.68 6.74
N CYS A 530 14.69 -10.58 7.57
CA CYS A 530 13.49 -9.80 7.29
C CYS A 530 13.48 -8.61 8.20
N ASP A 531 12.96 -7.49 7.70
CA ASP A 531 12.88 -6.27 8.50
C ASP A 531 11.77 -5.36 7.99
N ASP A 532 11.00 -4.79 8.92
CA ASP A 532 10.14 -3.66 8.59
C ASP A 532 11.02 -2.50 8.08
N GLY A 533 10.46 -1.60 7.28
CA GLY A 533 9.09 -1.64 6.78
C GLY A 533 9.01 -0.81 5.51
N PRO A 534 7.78 -0.59 5.00
CA PRO A 534 7.61 0.12 3.74
C PRO A 534 8.33 1.47 3.65
N SER A 535 8.33 2.23 4.75
CA SER A 535 8.92 3.57 4.77
C SER A 535 10.42 3.62 5.15
N GLY A 536 11.07 2.46 5.29
CA GLY A 536 12.48 2.41 5.67
C GLY A 536 12.74 1.35 6.72
N MET A 537 14.00 0.96 6.83
CA MET A 537 14.41 -0.09 7.77
C MET A 537 14.25 0.34 9.21
N ARG A 538 13.53 -0.48 9.96
CA ARG A 538 13.30 -0.30 11.38
C ARG A 538 14.33 -1.16 12.10
N LEU A 539 15.26 -0.51 12.81
CA LEU A 539 16.34 -1.22 13.46
C LEU A 539 16.23 -0.95 14.95
N ASP A 540 15.73 -1.94 15.69
CA ASP A 540 15.40 -1.78 17.11
C ASP A 540 16.64 -1.75 18.00
N SER A 541 17.80 -2.00 17.39
CA SER A 541 19.09 -1.70 17.99
C SER A 541 19.35 -0.21 18.17
N GLY A 542 18.55 0.64 17.50
CA GLY A 542 18.72 2.09 17.54
C GLY A 542 19.50 2.61 16.33
N ALA A 543 20.02 1.69 15.51
CA ALA A 543 20.75 2.07 14.29
C ALA A 543 19.87 2.89 13.36
N THR A 544 20.47 3.89 12.73
CA THR A 544 19.74 4.78 11.84
C THR A 544 19.61 4.17 10.45
N ALA A 545 18.55 4.58 9.76
CA ALA A 545 18.33 4.22 8.36
C ALA A 545 17.53 5.31 7.70
N PHE A 546 17.38 5.24 6.39
CA PHE A 546 16.68 6.29 5.65
C PHE A 546 15.15 6.18 5.88
N SER A 547 14.54 7.26 6.39
CA SER A 547 13.09 7.34 6.55
C SER A 547 12.49 7.98 5.30
N MET A 548 11.70 7.20 4.57
CA MET A 548 11.11 7.60 3.28
C MET A 548 9.65 8.02 3.47
N PRO A 549 9.07 8.70 2.45
CA PRO A 549 7.65 9.11 2.56
C PRO A 549 6.68 7.93 2.76
N ASN A 550 5.53 8.21 3.37
CA ASN A 550 4.52 7.17 3.59
C ASN A 550 3.92 6.67 2.28
N GLY A 551 3.29 5.50 2.34
CA GLY A 551 2.77 4.84 1.17
C GLY A 551 1.76 5.65 0.39
N THR A 552 0.87 6.35 1.09
CA THR A 552 -0.15 7.14 0.43
C THR A 552 0.48 8.31 -0.35
N MET A 553 1.55 8.88 0.19
CA MET A 553 2.31 9.91 -0.52
C MET A 553 2.95 9.36 -1.79
N LEU A 554 3.55 8.16 -1.70
CA LEU A 554 4.11 7.47 -2.87
C LEU A 554 3.08 7.30 -3.96
N ALA A 555 1.93 6.74 -3.60
CA ALA A 555 0.85 6.49 -4.56
C ALA A 555 0.33 7.79 -5.20
N SER A 556 0.29 8.86 -4.41
CA SER A 556 -0.18 10.18 -4.87
C SER A 556 0.68 10.79 -5.98
N THR A 557 1.93 10.34 -6.11
CA THR A 557 2.78 10.75 -7.22
C THR A 557 2.25 10.32 -8.58
N PHE A 558 1.49 9.23 -8.65
CA PHE A 558 1.04 8.66 -9.92
C PHE A 558 2.24 8.47 -10.86
N ASN A 559 3.39 8.12 -10.29
CA ASN A 559 4.65 8.14 -11.01
C ASN A 559 5.54 6.96 -10.59
N PRO A 560 5.27 5.77 -11.17
CA PRO A 560 6.04 4.57 -10.88
C PRO A 560 7.56 4.75 -10.98
N ASP A 561 8.01 5.56 -11.96
CA ASP A 561 9.45 5.78 -12.19
C ASP A 561 10.16 6.45 -11.01
N VAL A 562 9.55 7.48 -10.45
CA VAL A 562 10.16 8.19 -9.32
C VAL A 562 10.18 7.29 -8.06
N ILE A 563 9.15 6.47 -7.90
CA ILE A 563 9.07 5.50 -6.81
C ILE A 563 10.17 4.45 -6.96
N GLU A 564 10.27 3.89 -8.16
CA GLU A 564 11.28 2.88 -8.47
C GLU A 564 12.69 3.41 -8.21
N ARG A 565 12.96 4.62 -8.68
CA ARG A 565 14.26 5.25 -8.50
C ARG A 565 14.64 5.34 -7.00
N MET A 566 13.72 5.77 -6.16
CA MET A 566 13.97 5.87 -4.71
C MET A 566 14.27 4.52 -4.08
N TYR A 567 13.47 3.51 -4.41
CA TYR A 567 13.65 2.17 -3.82
C TYR A 567 14.85 1.43 -4.37
N GLY A 568 15.32 1.86 -5.54
CA GLY A 568 16.67 1.49 -6.02
C GLY A 568 17.77 1.80 -5.03
N PHE A 569 17.70 2.95 -4.35
CA PHE A 569 18.68 3.26 -3.31
C PHE A 569 18.45 2.42 -2.05
N THR A 570 17.19 2.21 -1.70
CA THR A 570 16.83 1.34 -0.59
C THR A 570 17.37 -0.07 -0.82
N SER A 571 17.37 -0.52 -2.08
CA SER A 571 17.94 -1.81 -2.45
C SER A 571 19.40 -1.95 -1.99
N LEU A 572 20.20 -0.91 -2.23
CA LEU A 572 21.59 -0.87 -1.78
C LEU A 572 21.72 -0.75 -0.26
N GLU A 573 20.95 0.16 0.33
CA GLU A 573 20.94 0.33 1.78
C GLU A 573 20.66 -0.97 2.55
N MET A 574 19.74 -1.78 2.02
CA MET A 574 19.41 -3.08 2.60
C MET A 574 20.60 -4.05 2.56
N ILE A 575 21.26 -4.11 1.42
CA ILE A 575 22.49 -4.90 1.28
C ILE A 575 23.55 -4.42 2.30
N TYR A 576 23.70 -3.11 2.45
CA TYR A 576 24.61 -2.55 3.46
C TYR A 576 24.32 -3.04 4.88
N ASN A 577 23.03 -3.14 5.21
CA ASN A 577 22.57 -3.65 6.52
C ASN A 577 22.34 -5.16 6.55
N LYS A 578 22.65 -5.86 5.47
CA LYS A 578 22.38 -7.30 5.33
C LYS A 578 20.94 -7.63 5.72
N VAL A 579 20.03 -6.90 5.10
CA VAL A 579 18.61 -7.17 5.18
C VAL A 579 18.20 -7.59 3.78
N GLU A 580 17.60 -8.78 3.67
CA GLU A 580 17.19 -9.34 2.39
C GLU A 580 15.74 -9.05 2.02
N CYS A 581 14.86 -9.02 3.02
CA CYS A 581 13.42 -8.86 2.81
C CYS A 581 12.88 -7.67 3.59
N LEU A 582 12.51 -6.61 2.88
CA LEU A 582 11.83 -5.47 3.50
C LEU A 582 10.36 -5.83 3.59
N LEU A 583 9.76 -5.67 4.76
CA LEU A 583 8.36 -6.09 4.95
C LEU A 583 7.39 -5.01 4.45
N GLY A 584 7.36 -4.89 3.12
CA GLY A 584 6.46 -4.01 2.39
C GLY A 584 6.63 -4.34 0.91
N PRO A 585 5.75 -3.87 0.03
CA PRO A 585 4.70 -2.89 0.32
C PRO A 585 3.51 -3.37 1.16
N GLY A 586 3.04 -2.50 2.05
CA GLY A 586 1.68 -2.58 2.56
C GLY A 586 0.81 -2.14 1.41
N MET A 587 -0.19 -2.95 1.07
CA MET A 587 -1.01 -2.71 -0.11
C MET A 587 -2.46 -3.22 0.00
N ASN A 588 -3.00 -3.15 1.20
CA ASN A 588 -4.42 -3.39 1.42
C ASN A 588 -5.17 -2.17 0.92
N ILE A 589 -6.32 -2.42 0.29
CA ILE A 589 -7.19 -1.38 -0.25
C ILE A 589 -7.71 -0.42 0.83
N HIS A 590 -7.71 0.88 0.50
CA HIS A 590 -8.39 1.90 1.33
C HIS A 590 -9.90 1.72 1.22
N ARG A 591 -10.44 0.79 1.99
CA ARG A 591 -11.88 0.48 1.98
C ARG A 591 -12.67 1.57 2.68
N ASN A 592 -12.12 2.08 3.77
CA ASN A 592 -12.75 3.13 4.55
C ASN A 592 -11.69 4.16 4.98
N PRO A 593 -12.03 5.46 5.01
CA PRO A 593 -11.03 6.46 5.42
C PRO A 593 -10.55 6.37 6.89
N LEU A 594 -11.28 5.65 7.74
CA LEU A 594 -10.97 5.55 9.16
C LEU A 594 -9.99 4.43 9.55
N ASN A 595 -9.59 3.58 8.60
CA ASN A 595 -8.62 2.54 8.90
C ASN A 595 -7.28 3.16 9.25
N GLY A 596 -6.78 2.84 10.44
CA GLY A 596 -5.57 3.43 10.98
C GLY A 596 -4.31 3.26 10.14
N ARG A 597 -4.21 2.11 9.44
CA ARG A 597 -3.01 1.81 8.65
C ARG A 597 -3.03 2.35 7.22
N ASN A 598 -4.04 3.14 6.86
CA ASN A 598 -4.13 3.69 5.50
C ASN A 598 -2.88 4.45 5.05
N PHE A 599 -2.16 5.06 6.00
CA PHE A 599 -0.92 5.80 5.70
C PHE A 599 0.13 4.98 4.95
N GLU A 600 0.26 3.69 5.28
CA GLU A 600 1.27 2.83 4.63
C GLU A 600 0.71 1.94 3.52
N TYR A 601 -0.55 2.13 3.18
CA TYR A 601 -1.16 1.56 1.97
C TYR A 601 -1.31 2.66 0.92
N PHE A 602 -1.87 2.33 -0.24
CA PHE A 602 -1.76 3.19 -1.43
C PHE A 602 -3.04 3.85 -1.87
N SER A 603 -4.10 3.07 -2.04
CA SER A 603 -5.29 3.54 -2.75
C SER A 603 -6.55 2.75 -2.47
N GLU A 604 -7.68 3.36 -2.79
CA GLU A 604 -8.96 2.64 -2.93
C GLU A 604 -9.08 1.88 -4.27
N ASP A 605 -8.17 2.15 -5.21
CA ASP A 605 -8.19 1.51 -6.52
C ASP A 605 -7.16 0.38 -6.62
N PRO A 606 -7.60 -0.82 -7.04
CA PRO A 606 -6.67 -1.96 -7.14
C PRO A 606 -5.59 -1.84 -8.24
N TYR A 607 -5.93 -1.24 -9.38
CA TYR A 607 -4.93 -1.06 -10.43
C TYR A 607 -3.79 -0.12 -9.97
N LEU A 608 -4.16 1.02 -9.40
CA LEU A 608 -3.19 1.95 -8.85
C LEU A 608 -2.39 1.26 -7.75
N ASN A 609 -3.10 0.54 -6.88
CA ASN A 609 -2.49 -0.18 -5.75
C ASN A 609 -1.39 -1.14 -6.26
N GLY A 610 -1.73 -2.02 -7.19
CA GLY A 610 -0.76 -2.96 -7.78
C GLY A 610 0.37 -2.31 -8.57
N THR A 611 0.07 -1.23 -9.26
CA THR A 611 1.07 -0.51 -10.06
C THR A 611 2.12 0.20 -9.17
N ILE A 612 1.67 0.82 -8.10
CA ILE A 612 2.59 1.48 -7.16
C ILE A 612 3.41 0.41 -6.41
N ALA A 613 2.75 -0.64 -5.92
CA ALA A 613 3.43 -1.78 -5.29
C ALA A 613 4.53 -2.33 -6.17
N SER A 614 4.20 -2.53 -7.44
CA SER A 614 5.14 -3.07 -8.41
C SER A 614 6.36 -2.16 -8.61
N ALA A 615 6.15 -0.84 -8.63
CA ALA A 615 7.26 0.10 -8.77
C ALA A 615 8.23 0.00 -7.61
N MET A 616 7.68 -0.11 -6.41
CA MET A 616 8.48 -0.28 -5.19
C MET A 616 9.28 -1.57 -5.24
N LEU A 617 8.63 -2.67 -5.60
CA LEU A 617 9.31 -3.95 -5.74
C LEU A 617 10.42 -3.90 -6.79
N LYS A 618 10.17 -3.27 -7.94
CA LYS A 618 11.20 -3.12 -8.98
C LYS A 618 12.43 -2.39 -8.46
N GLY A 619 12.20 -1.31 -7.71
CA GLY A 619 13.27 -0.60 -7.03
C GLY A 619 14.08 -1.52 -6.14
N LEU A 620 13.41 -2.21 -5.23
CA LEU A 620 14.07 -3.15 -4.33
C LEU A 620 14.82 -4.26 -5.10
N HIS A 621 14.27 -4.70 -6.23
CA HIS A 621 14.92 -5.72 -7.06
C HIS A 621 16.21 -5.26 -7.79
N LYS A 622 16.41 -3.96 -7.95
CA LYS A 622 17.54 -3.42 -8.72
C LYS A 622 18.88 -4.10 -8.42
N TYR A 623 19.22 -4.21 -7.13
CA TYR A 623 20.48 -4.81 -6.69
C TYR A 623 20.32 -6.15 -5.95
N GLY A 624 19.18 -6.81 -6.15
CA GLY A 624 18.98 -8.15 -5.60
C GLY A 624 18.31 -8.22 -4.23
N SER A 625 17.80 -7.10 -3.72
CA SER A 625 17.02 -7.10 -2.48
C SER A 625 15.57 -7.40 -2.83
N ASP A 626 14.70 -7.49 -1.83
CA ASP A 626 13.32 -7.85 -2.09
C ASP A 626 12.34 -7.24 -1.10
N GLY A 627 11.08 -7.22 -1.52
CA GLY A 627 9.95 -6.82 -0.68
C GLY A 627 9.08 -8.02 -0.31
N VAL A 628 8.20 -7.82 0.66
CA VAL A 628 7.21 -8.82 1.06
C VAL A 628 5.87 -8.09 1.00
N ALA A 629 5.01 -8.52 0.08
CA ALA A 629 3.69 -7.93 -0.05
C ALA A 629 2.83 -8.32 1.16
N LYS A 630 2.19 -7.34 1.78
CA LYS A 630 1.34 -7.57 2.93
C LYS A 630 0.12 -6.66 2.90
N HIS A 631 -0.95 -6.97 3.63
CA HIS A 631 -1.20 -8.21 4.37
C HIS A 631 -2.24 -8.95 3.54
N PHE A 632 -1.89 -10.17 3.14
CA PHE A 632 -2.65 -10.96 2.16
C PHE A 632 -3.71 -11.80 2.86
N CYS A 633 -4.99 -11.48 2.75
CA CYS A 633 -5.55 -10.25 2.19
C CYS A 633 -6.62 -9.72 3.13
N CYS A 634 -7.21 -8.59 2.76
CA CYS A 634 -8.41 -8.04 3.44
C CYS A 634 -8.23 -7.63 4.91
N ASN A 635 -7.02 -7.20 5.24
CA ASN A 635 -6.73 -6.52 6.50
C ASN A 635 -7.00 -5.01 6.25
N ASN A 636 -8.29 -4.65 6.24
CA ASN A 636 -8.76 -3.28 5.95
C ASN A 636 -9.25 -2.53 7.21
N GLN A 637 -9.01 -3.13 8.37
CA GLN A 637 -9.50 -2.61 9.65
C GLN A 637 -8.56 -3.07 10.77
N GLU A 638 -8.11 -2.14 11.61
CA GLU A 638 -7.22 -2.48 12.73
C GLU A 638 -7.95 -3.03 13.94
N LEU A 639 -9.13 -2.48 14.24
CA LEU A 639 -9.90 -2.88 15.42
C LEU A 639 -10.25 -4.37 15.32
N GLY A 640 -9.95 -5.09 16.40
CA GLY A 640 -10.21 -6.53 16.48
C GLY A 640 -9.48 -7.40 15.46
N ARG A 641 -8.35 -6.91 14.93
CA ARG A 641 -7.64 -7.58 13.81
C ARG A 641 -7.08 -8.98 14.11
N GLN A 642 -7.01 -9.36 15.40
CA GLN A 642 -6.66 -10.73 15.80
C GLN A 642 -7.81 -11.72 15.58
N ALA A 643 -9.05 -11.27 15.83
CA ALA A 643 -10.23 -12.13 15.77
C ALA A 643 -11.14 -11.85 14.55
N CYS A 644 -11.11 -10.63 14.01
CA CYS A 644 -12.15 -10.15 13.07
C CYS A 644 -12.26 -10.98 11.77
N ASP A 645 -13.52 -11.22 11.36
CA ASP A 645 -13.82 -11.98 10.14
C ASP A 645 -14.36 -11.02 9.08
N SER A 646 -13.64 -10.90 7.97
CA SER A 646 -14.13 -10.16 6.81
C SER A 646 -14.95 -11.11 5.95
N VAL A 647 -16.24 -10.81 5.79
CA VAL A 647 -17.16 -11.61 4.99
C VAL A 647 -17.31 -10.91 3.65
N VAL A 648 -16.91 -11.58 2.58
CA VAL A 648 -16.67 -10.89 1.29
C VAL A 648 -16.85 -11.83 0.09
N SER A 649 -17.47 -11.31 -0.98
CA SER A 649 -17.81 -12.12 -2.14
C SER A 649 -16.58 -12.42 -2.97
N GLN A 650 -16.64 -13.51 -3.73
CA GLN A 650 -15.58 -13.86 -4.66
C GLN A 650 -15.30 -12.73 -5.64
N ARG A 651 -16.36 -12.12 -6.15
CA ARG A 651 -16.19 -11.06 -7.13
C ARG A 651 -15.40 -9.88 -6.55
N ALA A 652 -15.77 -9.47 -5.33
CA ALA A 652 -15.08 -8.36 -4.68
C ALA A 652 -13.63 -8.71 -4.41
N LEU A 653 -13.38 -9.95 -4.00
CA LEU A 653 -12.02 -10.43 -3.79
C LEU A 653 -11.21 -10.37 -5.11
N ARG A 654 -11.76 -10.93 -6.17
CA ARG A 654 -11.08 -11.05 -7.45
C ARG A 654 -10.82 -9.70 -8.15
N GLU A 655 -11.79 -8.79 -8.09
CA GLU A 655 -11.68 -7.48 -8.77
C GLU A 655 -11.00 -6.39 -7.93
N ILE A 656 -11.16 -6.45 -6.61
CA ILE A 656 -10.74 -5.36 -5.74
C ILE A 656 -9.60 -5.76 -4.82
N TYR A 657 -9.85 -6.69 -3.89
CA TYR A 657 -8.92 -6.92 -2.77
C TYR A 657 -7.70 -7.78 -3.13
N LEU A 658 -7.90 -8.79 -3.97
CA LEU A 658 -6.79 -9.61 -4.44
C LEU A 658 -6.08 -9.00 -5.65
N LYS A 659 -6.77 -8.13 -6.38
CA LYS A 659 -6.31 -7.67 -7.70
C LYS A 659 -4.93 -6.99 -7.63
N GLY A 660 -4.75 -6.10 -6.65
CA GLY A 660 -3.47 -5.45 -6.44
C GLY A 660 -2.34 -6.43 -6.18
N PHE A 661 -2.60 -7.42 -5.35
CA PHE A 661 -1.65 -8.50 -5.09
C PHE A 661 -1.32 -9.27 -6.35
N GLU A 662 -2.32 -9.58 -7.16
CA GLU A 662 -2.11 -10.28 -8.43
C GLU A 662 -1.15 -9.50 -9.32
N ILE A 663 -1.35 -8.19 -9.41
CA ILE A 663 -0.51 -7.31 -10.23
C ILE A 663 0.92 -7.33 -9.71
N ALA A 664 1.07 -7.23 -8.39
CA ALA A 664 2.39 -7.29 -7.78
C ALA A 664 3.11 -8.59 -8.16
N VAL A 665 2.39 -9.70 -8.27
CA VAL A 665 3.00 -10.96 -8.71
C VAL A 665 3.37 -10.88 -10.20
N LYS A 666 2.40 -10.56 -11.04
CA LYS A 666 2.61 -10.68 -12.49
C LYS A 666 3.43 -9.53 -13.13
N GLU A 667 3.26 -8.32 -12.64
CA GLU A 667 4.00 -7.14 -13.11
C GLU A 667 5.18 -6.79 -12.18
N GLY A 668 5.02 -6.95 -10.87
CA GLY A 668 6.03 -6.54 -9.90
C GLY A 668 7.12 -7.55 -9.61
N GLY A 669 6.93 -8.78 -10.06
CA GLY A 669 7.88 -9.87 -9.74
C GLY A 669 7.90 -10.22 -8.25
N CYS A 670 6.78 -10.05 -7.57
CA CYS A 670 6.69 -10.36 -6.14
C CYS A 670 6.89 -11.86 -5.90
N LYS A 671 7.81 -12.17 -5.00
CA LYS A 671 8.15 -13.55 -4.63
C LYS A 671 8.06 -13.81 -3.12
N ALA A 672 7.46 -12.87 -2.38
CA ALA A 672 7.27 -13.03 -0.95
C ALA A 672 6.00 -12.30 -0.51
N PHE A 673 5.16 -13.02 0.23
CA PHE A 673 3.86 -12.54 0.72
C PHE A 673 3.76 -12.72 2.22
N MET A 674 3.03 -11.82 2.89
CA MET A 674 2.71 -11.99 4.31
C MET A 674 1.21 -12.06 4.43
N THR A 675 0.71 -13.05 5.17
CA THR A 675 -0.73 -13.15 5.48
C THR A 675 -1.11 -12.29 6.70
N THR A 676 -2.37 -12.34 7.12
CA THR A 676 -2.93 -11.41 8.11
C THR A 676 -3.12 -12.03 9.49
N TYR A 677 -3.38 -11.16 10.45
CA TYR A 677 -3.81 -11.58 11.79
C TYR A 677 -5.26 -12.10 11.85
N ALA A 678 -6.06 -11.87 10.81
CA ALA A 678 -7.51 -11.98 10.88
C ALA A 678 -8.06 -13.12 10.04
N GLN A 679 -9.39 -13.24 10.05
CA GLN A 679 -10.09 -14.20 9.22
C GLN A 679 -10.70 -13.56 7.98
N VAL A 680 -10.68 -14.30 6.88
CA VAL A 680 -11.41 -13.96 5.66
C VAL A 680 -12.33 -15.13 5.35
N ASN A 681 -13.63 -14.84 5.27
CA ASN A 681 -14.67 -15.84 5.01
C ASN A 681 -14.61 -17.07 5.92
N GLY A 682 -14.42 -16.80 7.21
CA GLY A 682 -14.65 -17.78 8.27
C GLY A 682 -13.50 -18.69 8.62
N MET A 683 -12.28 -18.33 8.21
CA MET A 683 -11.08 -18.90 8.82
C MET A 683 -9.89 -17.97 8.69
N TRP A 684 -8.87 -18.25 9.50
CA TRP A 684 -7.65 -17.45 9.50
C TRP A 684 -6.91 -17.62 8.16
N THR A 685 -6.34 -16.51 7.70
CA THR A 685 -5.69 -16.47 6.38
C THR A 685 -4.43 -17.33 6.30
N ALA A 686 -3.71 -17.44 7.41
CA ALA A 686 -2.49 -18.26 7.46
C ALA A 686 -2.73 -19.73 7.22
N GLY A 687 -3.95 -20.20 7.47
CA GLY A 687 -4.33 -21.58 7.19
C GLY A 687 -5.22 -21.74 5.97
N ASN A 688 -5.37 -20.71 5.16
CA ASN A 688 -6.34 -20.76 4.07
C ASN A 688 -5.70 -21.30 2.78
N TYR A 689 -6.08 -22.53 2.42
CA TYR A 689 -5.61 -23.22 1.20
C TYR A 689 -5.95 -22.45 -0.08
N ASP A 690 -7.19 -21.97 -0.18
CA ASP A 690 -7.63 -21.30 -1.39
C ASP A 690 -6.81 -20.04 -1.69
N LEU A 691 -6.46 -19.31 -0.64
CA LEU A 691 -5.65 -18.09 -0.73
C LEU A 691 -4.22 -18.37 -1.12
N ASN A 692 -3.58 -19.23 -0.35
CA ASN A 692 -2.14 -19.45 -0.44
C ASN A 692 -1.71 -20.48 -1.47
N THR A 693 -2.58 -21.42 -1.83
CA THR A 693 -2.26 -22.39 -2.87
C THR A 693 -3.05 -22.14 -4.16
N ARG A 694 -4.37 -22.34 -4.12
CA ARG A 694 -5.18 -22.26 -5.34
C ARG A 694 -5.01 -20.94 -6.08
N ILE A 695 -5.25 -19.82 -5.41
CA ILE A 695 -5.20 -18.50 -6.07
C ILE A 695 -3.76 -18.10 -6.37
N LEU A 696 -2.98 -17.96 -5.30
CA LEU A 696 -1.61 -17.43 -5.39
C LEU A 696 -0.69 -18.25 -6.29
N ARG A 697 -0.63 -19.56 -6.05
CA ARG A 697 0.27 -20.46 -6.81
C ARG A 697 -0.38 -20.99 -8.08
N ASP A 698 -1.46 -21.74 -7.94
CA ASP A 698 -2.02 -22.50 -9.08
C ASP A 698 -2.66 -21.61 -10.13
N GLU A 699 -3.25 -20.50 -9.73
CA GLU A 699 -3.87 -19.59 -10.69
C GLU A 699 -2.92 -18.46 -11.11
N TRP A 700 -2.34 -17.73 -10.18
CA TRP A 700 -1.47 -16.60 -10.55
C TRP A 700 -0.06 -17.02 -10.97
N GLY A 701 0.36 -18.24 -10.64
CA GLY A 701 1.73 -18.69 -10.95
C GLY A 701 2.84 -18.14 -10.08
N PHE A 702 2.50 -17.62 -8.90
CA PHE A 702 3.50 -17.15 -7.91
C PHE A 702 4.50 -18.26 -7.60
N LYS A 703 5.79 -17.91 -7.65
CA LYS A 703 6.89 -18.81 -7.26
C LYS A 703 7.64 -18.11 -6.12
N GLY A 704 7.37 -18.50 -4.89
CA GLY A 704 7.96 -17.82 -3.76
C GLY A 704 7.53 -18.32 -2.41
N ILE A 705 7.59 -17.42 -1.42
CA ILE A 705 7.29 -17.77 -0.03
C ILE A 705 6.12 -16.98 0.53
N VAL A 706 5.37 -17.63 1.41
CA VAL A 706 4.34 -16.98 2.19
C VAL A 706 4.72 -17.13 3.66
N MET A 707 4.62 -16.04 4.41
CA MET A 707 4.94 -16.04 5.83
C MET A 707 3.74 -15.49 6.57
N THR A 708 3.59 -15.86 7.85
CA THR A 708 2.53 -15.32 8.67
C THR A 708 2.88 -13.92 9.08
N ASP A 709 1.88 -13.21 9.58
CA ASP A 709 2.11 -12.00 10.34
C ASP A 709 2.70 -12.43 11.70
N TRP A 710 3.30 -11.48 12.42
CA TRP A 710 4.12 -11.79 13.60
C TRP A 710 3.32 -12.25 14.84
N TRP A 711 3.53 -13.52 15.20
CA TRP A 711 2.77 -14.21 16.27
C TRP A 711 1.29 -14.32 15.92
N ALA A 712 1.00 -14.53 14.63
CA ALA A 712 -0.37 -14.59 14.13
C ALA A 712 -0.99 -15.94 14.48
N GLN A 713 -2.31 -15.91 14.70
CA GLN A 713 -3.07 -17.13 14.98
C GLN A 713 -3.34 -17.91 13.68
N VAL A 714 -3.46 -19.23 13.83
CA VAL A 714 -3.77 -20.15 12.74
C VAL A 714 -4.84 -21.14 13.23
N ASN A 715 -5.69 -21.60 12.31
CA ASN A 715 -6.67 -22.65 12.62
C ASN A 715 -7.04 -23.48 11.39
N ASP A 716 -7.68 -24.61 11.66
CA ASP A 716 -8.47 -25.32 10.65
C ASP A 716 -9.87 -24.74 10.73
N ARG A 717 -10.61 -24.77 9.62
CA ARG A 717 -11.97 -24.20 9.58
C ARG A 717 -12.84 -24.83 10.67
N GLY A 718 -13.45 -23.98 11.52
CA GLY A 718 -14.28 -24.42 12.62
C GLY A 718 -13.54 -24.61 13.94
N GLY A 719 -12.23 -24.83 13.87
CA GLY A 719 -11.41 -25.12 15.04
C GLY A 719 -10.95 -23.88 15.79
N GLU A 720 -10.34 -24.13 16.94
CA GLU A 720 -9.88 -23.08 17.82
C GLU A 720 -8.62 -22.42 17.23
N PRO A 721 -8.53 -21.08 17.28
CA PRO A 721 -7.28 -20.42 16.88
C PRO A 721 -6.17 -20.57 17.93
N THR A 722 -4.94 -20.82 17.47
CA THR A 722 -3.74 -20.90 18.32
C THR A 722 -2.53 -20.28 17.60
N LYS A 723 -1.53 -19.88 18.37
CA LYS A 723 -0.25 -19.38 17.82
C LYS A 723 0.78 -20.50 17.57
N ASN A 724 0.33 -21.75 17.50
CA ASN A 724 1.23 -22.86 17.22
C ASN A 724 0.62 -24.01 16.37
N ASN A 725 -0.45 -23.73 15.62
CA ASN A 725 -1.01 -24.71 14.66
C ASN A 725 -0.32 -24.56 13.30
N THR A 726 0.97 -24.94 13.30
CA THR A 726 1.83 -24.88 12.12
C THR A 726 1.45 -25.92 11.07
N ALA A 727 0.79 -27.01 11.51
CA ALA A 727 0.31 -28.04 10.58
C ALA A 727 -0.76 -27.48 9.67
N ALA A 728 -1.71 -26.73 10.24
CA ALA A 728 -2.73 -26.08 9.42
C ALA A 728 -2.09 -25.08 8.45
N MET A 729 -1.10 -24.36 8.93
CA MET A 729 -0.32 -23.40 8.13
C MET A 729 0.36 -24.08 6.93
N VAL A 730 1.04 -25.20 7.18
CA VAL A 730 1.74 -25.95 6.12
C VAL A 730 0.77 -26.61 5.15
N ARG A 731 -0.38 -27.08 5.64
CA ARG A 731 -1.41 -27.65 4.77
C ARG A 731 -1.98 -26.62 3.77
N ALA A 732 -1.94 -25.33 4.13
CA ALA A 732 -2.31 -24.22 3.23
C ALA A 732 -1.23 -23.77 2.25
N GLN A 733 0.00 -24.24 2.46
CA GLN A 733 1.20 -23.71 1.83
C GLN A 733 1.52 -22.27 2.27
N ASN A 734 1.24 -21.94 3.52
CA ASN A 734 1.84 -20.79 4.16
C ASN A 734 3.16 -21.32 4.73
N ASP A 735 4.27 -20.93 4.11
CA ASP A 735 5.55 -21.64 4.30
C ASP A 735 6.27 -21.38 5.64
N LEU A 736 6.02 -20.22 6.26
CA LEU A 736 6.84 -19.73 7.38
C LEU A 736 6.00 -19.19 8.53
N TYR A 737 6.14 -19.77 9.72
CA TYR A 737 5.55 -19.20 10.93
C TYR A 737 6.50 -18.15 11.50
N MET A 738 6.11 -16.89 11.41
CA MET A 738 6.85 -15.79 12.02
C MET A 738 6.16 -15.44 13.34
N VAL A 739 6.82 -15.50 14.50
CA VAL A 739 8.19 -15.98 14.72
C VAL A 739 8.23 -16.77 16.02
N THR A 740 9.37 -17.43 16.26
CA THR A 740 9.65 -18.15 17.48
C THR A 740 10.97 -17.63 18.06
N ALA A 741 11.13 -17.71 19.39
CA ALA A 741 12.39 -17.30 20.05
C ALA A 741 13.58 -18.22 19.66
N ASN A 742 13.28 -19.50 19.43
CA ASN A 742 14.30 -20.50 19.08
C ASN A 742 13.66 -21.58 18.18
N ALA A 743 14.00 -21.55 16.89
CA ALA A 743 13.37 -22.44 15.90
C ALA A 743 13.83 -23.90 16.01
N ALA A 744 15.12 -24.09 16.23
CA ALA A 744 15.69 -25.43 16.42
C ALA A 744 15.10 -26.15 17.64
N MET A 745 14.82 -25.40 18.70
CA MET A 745 14.27 -25.94 19.94
C MET A 745 12.74 -26.05 19.98
N ASN A 746 12.06 -25.56 18.94
CA ASN A 746 10.58 -25.58 18.88
C ASN A 746 9.99 -24.83 20.10
N SER A 747 10.48 -23.60 20.32
CA SER A 747 10.10 -22.80 21.50
C SER A 747 8.59 -22.45 21.58
N ALA A 748 7.87 -22.52 20.46
CA ALA A 748 6.39 -22.37 20.46
C ALA A 748 5.58 -23.67 20.71
N ASN A 749 6.25 -24.82 20.87
CA ASN A 749 5.60 -26.15 20.99
C ASN A 749 4.55 -26.40 19.91
N ASP A 750 4.98 -26.31 18.65
CA ASP A 750 4.06 -26.47 17.54
C ASP A 750 3.75 -27.94 17.25
N ASN A 751 2.72 -28.15 16.44
CA ASN A 751 2.14 -29.48 16.22
C ASN A 751 2.56 -30.10 14.89
N THR A 752 3.67 -29.64 14.31
CA THR A 752 4.11 -30.13 12.99
C THR A 752 4.38 -31.63 13.01
N LEU A 753 5.22 -32.05 13.94
CA LEU A 753 5.64 -33.43 14.03
C LEU A 753 4.54 -34.37 14.55
N SER A 754 3.77 -33.92 15.54
CA SER A 754 2.66 -34.74 16.08
C SER A 754 1.57 -34.96 15.03
N GLN A 755 1.23 -33.92 14.28
CA GLN A 755 0.30 -34.06 13.14
C GLN A 755 0.86 -34.93 12.03
N LEU A 756 2.17 -34.84 11.79
CA LEU A 756 2.84 -35.70 10.82
C LEU A 756 2.77 -37.16 11.26
N SER A 757 3.05 -37.39 12.55
CA SER A 757 2.95 -38.71 13.19
C SER A 757 1.57 -39.35 13.01
N GLU A 758 0.53 -38.53 13.15
CA GLU A 758 -0.86 -38.97 13.04
C GLU A 758 -1.44 -39.03 11.60
N GLY A 759 -0.62 -38.75 10.59
CA GLY A 759 -1.10 -38.70 9.21
C GLY A 759 -2.08 -37.56 8.90
N LYS A 760 -2.12 -36.52 9.73
CA LYS A 760 -2.96 -35.34 9.48
C LYS A 760 -2.20 -34.26 8.71
N LEU A 761 -0.88 -34.39 8.64
CA LEU A 761 -0.02 -33.57 7.81
C LEU A 761 0.84 -34.54 7.02
N ASN A 762 0.92 -34.33 5.71
CA ASN A 762 1.73 -35.19 4.85
C ASN A 762 3.12 -34.60 4.71
N ARG A 763 4.13 -35.47 4.68
CA ARG A 763 5.50 -35.02 4.51
C ARG A 763 5.69 -34.24 3.19
N ALA A 764 4.94 -34.61 2.16
CA ALA A 764 4.98 -33.89 0.87
C ALA A 764 4.65 -32.40 1.04
N GLU A 765 3.70 -32.10 1.93
CA GLU A 765 3.33 -30.70 2.20
C GLU A 765 4.45 -29.93 2.87
N LEU A 766 5.10 -30.54 3.85
CA LEU A 766 6.30 -29.97 4.46
C LEU A 766 7.42 -29.76 3.47
N GLN A 767 7.63 -30.75 2.61
CA GLN A 767 8.67 -30.70 1.58
C GLN A 767 8.44 -29.56 0.56
N ARG A 768 7.18 -29.35 0.17
CA ARG A 768 6.81 -28.27 -0.73
C ARG A 768 7.19 -26.91 -0.12
N CYS A 769 6.83 -26.72 1.14
CA CYS A 769 7.22 -25.52 1.85
C CYS A 769 8.73 -25.35 1.96
N ALA A 770 9.42 -26.44 2.29
CA ALA A 770 10.89 -26.43 2.36
C ALA A 770 11.54 -26.05 1.02
N MET A 771 11.00 -26.58 -0.07
CA MET A 771 11.49 -26.23 -1.40
C MET A 771 11.23 -24.76 -1.72
N ASN A 772 10.05 -24.25 -1.37
CA ASN A 772 9.74 -22.81 -1.58
C ASN A 772 10.76 -21.95 -0.84
N ILE A 773 10.99 -22.30 0.42
CA ILE A 773 11.90 -21.57 1.27
C ILE A 773 13.33 -21.59 0.73
N CYS A 774 13.82 -22.78 0.35
CA CYS A 774 15.17 -22.91 -0.20
C CYS A 774 15.36 -22.25 -1.55
N GLU A 775 14.35 -22.37 -2.41
CA GLU A 775 14.37 -21.74 -3.72
C GLU A 775 14.47 -20.21 -3.56
N TYR A 776 13.66 -19.66 -2.66
CA TYR A 776 13.75 -18.25 -2.33
C TYR A 776 15.14 -17.91 -1.78
N ALA A 777 15.57 -18.68 -0.77
CA ALA A 777 16.78 -18.35 -0.01
C ALA A 777 18.02 -18.33 -0.88
N MET A 778 18.10 -19.24 -1.84
CA MET A 778 19.30 -19.37 -2.68
C MET A 778 19.49 -18.22 -3.67
N ASN A 779 18.43 -17.45 -3.95
CA ASN A 779 18.53 -16.25 -4.80
C ASN A 779 18.68 -14.94 -4.02
N THR A 780 18.78 -15.00 -2.69
CA THR A 780 18.98 -13.80 -1.88
C THR A 780 20.45 -13.44 -1.78
N MET A 781 20.70 -12.21 -1.33
CA MET A 781 22.05 -11.75 -1.09
C MET A 781 22.74 -12.51 0.06
N ALA A 782 21.95 -13.11 0.97
CA ALA A 782 22.50 -13.98 2.02
C ALA A 782 23.15 -15.23 1.47
N MET A 783 22.58 -15.81 0.40
CA MET A 783 23.23 -16.92 -0.31
C MET A 783 24.55 -16.46 -0.95
N LYS A 784 24.49 -15.34 -1.65
CA LYS A 784 25.68 -14.75 -2.27
C LYS A 784 26.81 -14.47 -1.28
N ARG A 785 26.47 -14.13 -0.03
CA ARG A 785 27.48 -13.99 1.02
C ARG A 785 28.16 -15.33 1.32
N LEU A 786 27.39 -16.41 1.34
CA LEU A 786 27.98 -17.76 1.48
C LEU A 786 28.89 -18.09 0.31
N CYS A 787 28.43 -17.80 -0.91
CA CYS A 787 29.19 -18.03 -2.14
C CYS A 787 30.31 -17.01 -2.37
N ARG A 788 30.37 -15.96 -1.55
CA ARG A 788 31.40 -14.92 -1.61
C ARG A 788 31.35 -14.12 -2.91
N ASN A 789 30.16 -13.97 -3.48
CA ASN A 789 29.94 -13.13 -4.66
C ASN A 789 28.82 -12.10 -4.44
N ASP A 790 28.67 -11.64 -3.21
CA ASP A 790 27.70 -10.61 -2.85
C ASP A 790 28.22 -9.23 -3.25
N ILE A 791 27.32 -8.25 -3.29
CA ILE A 791 27.69 -6.86 -3.54
C ILE A 791 28.13 -6.22 -2.24
N LYS A 792 29.29 -5.58 -2.24
CA LYS A 792 29.75 -4.79 -1.11
C LYS A 792 29.32 -3.36 -1.35
N VAL A 793 28.70 -2.74 -0.35
CA VAL A 793 28.17 -1.40 -0.48
C VAL A 793 28.96 -0.49 0.44
N GLU A 794 29.31 0.68 -0.07
CA GLU A 794 29.94 1.72 0.74
C GLU A 794 29.12 3.01 0.63
N ILE A 795 28.84 3.62 1.77
CA ILE A 795 28.04 4.83 1.84
C ILE A 795 28.95 6.05 1.70
N ALA A 796 28.70 6.87 0.67
CA ALA A 796 29.47 8.10 0.44
C ALA A 796 28.55 9.31 0.44
N GLY A 797 29.09 10.47 0.83
CA GLY A 797 28.37 11.74 0.84
C GLY A 797 28.03 12.28 2.21
N ARG A 798 28.41 11.58 3.28
CA ARG A 798 28.07 11.95 4.66
C ARG A 798 29.31 12.41 5.42
#